data_5WBK
#
_entry.id   5WBK
#
_cell.length_a   89.100
_cell.length_b   113.100
_cell.length_c   152.900
_cell.angle_alpha   90.00
_cell.angle_beta   90.00
_cell.angle_gamma   90.00
#
_symmetry.space_group_name_H-M   'P 21 21 21'
#
loop_
_entity.id
_entity.type
_entity.pdbx_description
1 polymer 'Regulatory-associated protein of TOR 1'
2 polymer 'Ribosomal protein S6 kinase beta-1'
#
loop_
_entity_poly.entity_id
_entity_poly.type
_entity_poly.pdbx_seq_one_letter_code
_entity_poly.pdbx_strand_id
1 'polypeptide(L)'
;SVDMALGDLMVSRFSQSSVSLVSNHRYDEDCVSSHDDGDSRRKDSEAKSSSSYGNGTTEGAATATSMAYLPQTIVLCELR
HDASEASAPLGTSEIVLVPKWRLKERMKTGCVALVLCLNITVDPPDVIKISPCARIEAWIDPFSMAPPKALETIGKNLST
QYERWQPRARYKVQLDPTVDEVRKLCLTCRKYAKTERVLFHYNGHGVPKPTANGEIWVFNKSYTQYIPLPISELDSWLKT
PSIYVFDCSAARMILNAFAELHDWGSSGSSGSSRDCILLAACDVHETLPQSVEFPADVFTSCLTTPIKMALKWFCRRSLL
KEIIDESLIDRIPGRQNDRKTLLGELNWIFTAVTDTIAWNVLPHELFQRLFRQDLLVASLFRNFLLAERIMRSANCNPIS
HPMLPPTHQHHMWDAWDMAAEICLSQLPQLVLDPSTEFQPSPFFTEQLTAFEVWLDHGSEHKKPPEQLPIVLQVLLSQCH
RFRALVLLGRFLDMGSWAVDLALSVGIFPYVLKLLQTTTNELRQILVFIWTKILALDKSCQIDLVKDGGHTYFIRFLDSS
GAFPEQRAMAAFVLAVIVDGHRRGQEACLEANLIGVCLGHLEASRPSDPQPEPLFLQWLCLCLGKLWEDFMEAQIMGREA
NAFEKLAPLLSEPQPEVRAAAVFALGTLLDIGFDSNKSVVEDEFDDDEKIRAEDAIIKSLLDVVSDGSPLVRAEVAVALA
RFAFGHKQHLKLAAASYWKPQSSSLLTSLPSIAKFHDPGSATIVSLHMSPLTRASTDSQPVARESRISSSPLGSSGLMQG
SPLSDDSSLHSDSGMMHDSVSNGAVHQPRLLDNAVYSQCVRAMFALAKDPSPRIASLGRRVLSIIGIEQVVAKPSKPTGR
PGEAADSGLADPLLGASGSERSLLPLSTIYGWSCGHFSKPLLGGADASQEIAAKREEKEKFALEHIAKCQHSSISKLNNN
PIANWDTRFETGTKTALLHPFSPIVVAADENERIRVWNYEEATLLNGFDNHDFPDKGISKLCLINELDDSLLLVASCDGS
VRIWKNYATKGKQKLVTGFSSIQGHKPGARDLNAVVDWQQQSGYLYASGETSTVTLWDLEKEQLVRSVPSESECGVTALS
ASQVHGGQLAAGFADGSLRLYDVRSPEPLVCATRPHQKVERVVGLSFQPGLDPAKVVSASQAGDIQFLDLRTTRDTYLTI
DAHRGSLTALAVHRHAPIIASGSAKQLIKVFSLQGEQLGIIRYYPSFMAQKIGSVSCLTFHPYQVLLAAGAADSFVSIYT
HDNSQAR
;
A
2 'polypeptide(L)' MAGVFDIDLDQPED T
#
# COMPACT_ATOMS: atom_id res chain seq x y z
N ALA A 64 17.39 -23.70 29.27
CA ALA A 64 18.58 -24.60 29.41
C ALA A 64 19.69 -24.28 28.38
N THR A 65 20.82 -24.99 28.48
CA THR A 65 21.94 -24.88 27.53
C THR A 65 21.54 -25.29 26.11
N SER A 66 20.55 -26.19 26.02
CA SER A 66 19.96 -26.60 24.73
C SER A 66 19.21 -25.49 23.96
N MET A 67 19.18 -24.27 24.51
CA MET A 67 18.85 -23.07 23.71
C MET A 67 19.94 -22.68 22.70
N ALA A 68 21.13 -23.26 22.82
CA ALA A 68 22.15 -23.21 21.77
C ALA A 68 21.71 -24.01 20.55
N TYR A 69 21.14 -25.20 20.78
CA TYR A 69 20.61 -26.06 19.71
C TYR A 69 19.41 -25.47 18.95
N LEU A 70 18.68 -24.53 19.58
CA LEU A 70 17.45 -23.96 19.01
C LEU A 70 17.58 -22.44 18.81
N PRO A 71 18.13 -22.01 17.67
CA PRO A 71 18.38 -20.58 17.45
C PRO A 71 17.11 -19.83 17.10
N GLN A 72 16.91 -18.67 17.73
CA GLN A 72 15.71 -17.86 17.50
C GLN A 72 15.85 -16.90 16.32
N THR A 73 17.08 -16.75 15.80
CA THR A 73 17.35 -15.89 14.65
C THR A 73 16.61 -16.38 13.40
N ILE A 74 15.64 -15.58 12.96
CA ILE A 74 14.97 -15.76 11.68
C ILE A 74 15.73 -14.89 10.69
N VAL A 75 15.77 -15.31 9.42
CA VAL A 75 16.48 -14.60 8.36
C VAL A 75 15.70 -14.68 7.03
N LEU A 76 15.75 -13.59 6.24
CA LEU A 76 15.07 -13.48 4.93
C LEU A 76 13.56 -13.72 4.97
N CYS A 77 12.90 -13.18 6.01
CA CYS A 77 11.44 -13.20 6.10
C CYS A 77 10.92 -11.78 6.33
N GLU A 78 11.44 -10.87 5.50
CA GLU A 78 11.10 -9.44 5.49
C GLU A 78 10.27 -9.15 4.24
N LEU A 79 9.66 -7.95 4.21
CA LEU A 79 8.75 -7.57 3.10
C LEU A 79 9.41 -7.45 1.72
N ARG A 80 10.72 -7.23 1.70
CA ARG A 80 11.51 -7.29 0.45
C ARG A 80 11.75 -8.71 -0.06
N HIS A 81 11.37 -9.70 0.74
CA HIS A 81 11.45 -11.10 0.38
C HIS A 81 10.04 -11.71 0.24
N ASP A 82 9.09 -10.96 -0.35
CA ASP A 82 7.66 -11.33 -0.34
C ASP A 82 7.31 -12.46 -1.33
N ALA A 83 6.15 -13.08 -1.11
CA ALA A 83 5.83 -14.43 -1.61
C ALA A 83 4.88 -14.53 -2.83
N SER A 84 3.67 -15.08 -2.64
CA SER A 84 2.91 -15.71 -3.73
C SER A 84 2.27 -14.72 -4.71
N GLU A 85 1.32 -13.93 -4.21
CA GLU A 85 0.62 -12.94 -5.04
C GLU A 85 1.58 -11.83 -5.46
N ALA A 86 2.20 -11.20 -4.46
CA ALA A 86 3.11 -10.09 -4.71
C ALA A 86 4.47 -10.56 -5.24
N SER A 87 4.71 -10.29 -6.54
CA SER A 87 6.07 -10.18 -7.10
C SER A 87 6.60 -8.75 -6.93
N ALA A 88 5.79 -7.89 -6.31
CA ALA A 88 6.17 -6.59 -5.73
C ALA A 88 7.60 -6.46 -5.18
N PRO A 89 8.04 -7.38 -4.26
CA PRO A 89 9.36 -7.33 -3.63
C PRO A 89 10.40 -6.45 -4.32
N LEU A 90 10.72 -6.75 -5.58
CA LEU A 90 11.29 -5.78 -6.53
C LEU A 90 11.61 -6.39 -7.89
N GLY A 91 11.80 -5.50 -8.85
CA GLY A 91 11.89 -5.83 -10.25
C GLY A 91 10.70 -5.16 -10.91
N THR A 92 9.50 -5.56 -10.46
CA THR A 92 8.25 -5.03 -11.02
C THR A 92 8.03 -3.57 -10.61
N SER A 93 7.40 -2.82 -11.52
CA SER A 93 7.01 -1.42 -11.27
C SER A 93 5.84 -1.41 -10.32
N GLU A 94 5.55 -0.24 -9.75
CA GLU A 94 4.46 -0.11 -8.78
C GLU A 94 3.10 -0.15 -9.47
N ILE A 95 2.09 -0.50 -8.68
CA ILE A 95 0.72 -0.68 -9.14
C ILE A 95 0.11 0.68 -9.46
N VAL A 96 -0.18 0.93 -10.74
CA VAL A 96 -0.79 2.19 -11.19
C VAL A 96 -2.30 2.14 -10.96
N LEU A 97 -2.88 3.30 -10.59
CA LEU A 97 -4.31 3.41 -10.25
C LEU A 97 -5.09 4.19 -11.31
N VAL A 98 -6.41 4.04 -11.28
CA VAL A 98 -7.32 4.73 -12.19
C VAL A 98 -8.50 5.31 -11.36
N PRO A 99 -8.42 6.61 -10.96
CA PRO A 99 -9.44 7.20 -10.05
C PRO A 99 -10.88 7.28 -10.58
N LYS A 100 -11.85 7.30 -9.64
CA LYS A 100 -13.29 7.39 -9.94
C LYS A 100 -14.03 8.63 -9.39
N TRP A 101 -13.47 9.28 -8.36
CA TRP A 101 -14.11 10.43 -7.68
C TRP A 101 -13.98 11.77 -8.44
N ARG A 102 -13.74 11.70 -9.74
CA ARG A 102 -13.25 12.83 -10.53
C ARG A 102 -14.34 13.41 -11.42
N LEU A 103 -14.90 14.53 -10.97
CA LEU A 103 -15.73 15.41 -11.79
C LEU A 103 -15.20 16.84 -11.61
N LYS A 104 -14.31 17.26 -12.53
CA LYS A 104 -13.61 18.55 -12.46
C LYS A 104 -14.57 19.74 -12.46
N GLU A 105 -15.64 19.64 -13.25
CA GLU A 105 -16.57 20.76 -13.46
C GLU A 105 -17.37 21.07 -12.19
N ARG A 106 -16.78 21.91 -11.34
CA ARG A 106 -17.53 22.61 -10.30
C ARG A 106 -18.55 23.47 -11.04
N MET A 107 -19.79 22.98 -11.09
CA MET A 107 -20.86 23.65 -11.83
C MET A 107 -21.48 24.78 -11.01
N LYS A 108 -21.96 25.80 -11.71
CA LYS A 108 -22.59 26.96 -11.11
C LYS A 108 -23.96 27.16 -11.73
N THR A 109 -24.98 27.38 -10.90
CA THR A 109 -26.27 27.90 -11.38
C THR A 109 -26.18 29.43 -11.47
N GLY A 110 -26.02 29.94 -12.70
CA GLY A 110 -25.78 31.37 -12.93
C GLY A 110 -27.02 32.24 -13.03
N CYS A 111 -28.13 31.69 -13.50
CA CYS A 111 -29.37 32.46 -13.73
C CYS A 111 -30.58 31.71 -13.18
N VAL A 112 -31.51 32.44 -12.56
CA VAL A 112 -32.72 31.85 -11.95
C VAL A 112 -33.99 32.58 -12.40
N ALA A 113 -34.90 31.83 -13.00
CA ALA A 113 -36.18 32.33 -13.47
C ALA A 113 -37.30 31.89 -12.55
N LEU A 114 -37.86 32.81 -11.78
CA LEU A 114 -39.02 32.55 -10.93
C LEU A 114 -40.30 32.95 -11.65
N VAL A 115 -41.08 31.95 -12.06
CA VAL A 115 -42.38 32.16 -12.69
C VAL A 115 -43.47 31.88 -11.64
N LEU A 116 -44.38 32.86 -11.46
CA LEU A 116 -45.39 32.82 -10.39
C LEU A 116 -46.81 33.02 -10.92
N CYS A 117 -47.55 31.92 -11.05
CA CYS A 117 -48.93 31.94 -11.56
C CYS A 117 -49.95 31.80 -10.44
N LEU A 118 -50.31 32.94 -9.83
CA LEU A 118 -51.37 33.00 -8.83
C LEU A 118 -52.23 34.25 -9.00
N ASN A 119 -53.46 34.05 -9.46
CA ASN A 119 -54.51 35.05 -9.34
C ASN A 119 -54.95 35.11 -7.89
N ILE A 120 -54.89 36.28 -7.28
CA ILE A 120 -55.27 36.41 -5.87
C ILE A 120 -56.80 36.61 -5.77
N THR A 121 -57.43 35.76 -4.96
CA THR A 121 -58.90 35.58 -4.89
C THR A 121 -59.56 35.27 -6.24
N VAL A 122 -58.88 34.46 -7.05
CA VAL A 122 -59.49 33.80 -8.22
C VAL A 122 -58.94 32.37 -8.26
N ASP A 123 -59.65 31.46 -7.60
CA ASP A 123 -59.30 30.04 -7.61
C ASP A 123 -59.52 29.46 -9.01
N PRO A 124 -58.61 28.57 -9.46
CA PRO A 124 -58.86 27.85 -10.70
C PRO A 124 -59.85 26.71 -10.45
N PRO A 125 -60.59 26.25 -11.49
CA PRO A 125 -61.72 25.33 -11.29
C PRO A 125 -61.39 23.86 -10.95
N ASP A 126 -60.27 23.60 -10.26
CA ASP A 126 -59.91 22.27 -9.77
C ASP A 126 -59.96 22.22 -8.22
N VAL A 127 -61.00 22.82 -7.63
CA VAL A 127 -61.16 22.91 -6.16
C VAL A 127 -62.60 22.55 -5.78
N CYS A 133 -59.31 26.70 4.61
CA CYS A 133 -58.46 26.87 3.43
C CYS A 133 -57.12 27.53 3.78
N ALA A 134 -56.06 27.13 3.08
CA ALA A 134 -54.68 27.62 3.34
C ALA A 134 -54.16 28.43 2.16
N ARG A 135 -53.58 29.59 2.43
CA ARG A 135 -53.18 30.52 1.36
C ARG A 135 -51.97 31.41 1.68
N ILE A 136 -51.07 30.97 2.56
CA ILE A 136 -49.81 31.71 2.80
C ILE A 136 -48.84 31.35 1.68
N GLU A 137 -48.08 32.33 1.21
CA GLU A 137 -47.07 32.08 0.16
C GLU A 137 -45.83 32.96 0.28
N ALA A 138 -44.67 32.31 0.39
CA ALA A 138 -43.38 32.95 0.68
C ALA A 138 -43.43 33.67 2.04
N TRP A 139 -44.14 33.07 2.99
CA TRP A 139 -44.39 33.63 4.31
C TRP A 139 -45.03 35.03 4.30
N ILE A 140 -45.99 35.20 3.39
CA ILE A 140 -46.81 36.41 3.27
C ILE A 140 -48.28 35.99 3.18
N ASP A 141 -49.16 36.78 3.78
CA ASP A 141 -50.60 36.64 3.60
C ASP A 141 -50.96 37.50 2.37
N PRO A 142 -51.26 36.86 1.22
CA PRO A 142 -51.53 37.60 -0.02
C PRO A 142 -52.85 38.38 -0.01
N PHE A 143 -53.78 37.97 0.84
CA PHE A 143 -55.00 38.72 1.06
C PHE A 143 -54.76 40.00 1.86
N SER A 144 -53.79 39.99 2.77
CA SER A 144 -53.53 41.14 3.65
C SER A 144 -53.05 42.42 2.93
N MET A 145 -52.37 42.26 1.80
CA MET A 145 -51.77 43.39 1.05
C MET A 145 -52.55 43.89 -0.17
N ALA A 146 -53.64 43.21 -0.54
CA ALA A 146 -54.34 43.41 -1.83
C ALA A 146 -53.52 42.87 -3.01
N PRO A 147 -54.19 42.29 -4.04
CA PRO A 147 -53.55 41.52 -5.13
C PRO A 147 -52.24 42.04 -5.76
N PRO A 148 -52.20 43.29 -6.30
CA PRO A 148 -50.99 43.71 -7.02
C PRO A 148 -49.76 43.93 -6.13
N LYS A 149 -49.94 44.52 -4.93
CA LYS A 149 -48.83 44.69 -3.96
C LYS A 149 -48.42 43.36 -3.34
N ALA A 150 -49.42 42.52 -3.06
CA ALA A 150 -49.19 41.16 -2.57
C ALA A 150 -48.30 40.36 -3.51
N LEU A 151 -48.65 40.37 -4.79
CA LEU A 151 -47.93 39.59 -5.80
C LEU A 151 -46.52 40.11 -6.08
N GLU A 152 -46.30 41.42 -5.88
CA GLU A 152 -44.94 42.00 -5.90
C GLU A 152 -44.07 41.48 -4.76
N THR A 153 -44.61 41.57 -3.54
CA THR A 153 -43.90 41.20 -2.31
C THR A 153 -43.54 39.71 -2.28
N ILE A 154 -44.46 38.86 -2.72
CA ILE A 154 -44.24 37.42 -2.77
C ILE A 154 -43.13 37.10 -3.78
N GLY A 155 -43.13 37.82 -4.90
CA GLY A 155 -42.06 37.77 -5.88
C GLY A 155 -40.71 38.19 -5.31
N LYS A 156 -40.72 39.28 -4.55
CA LYS A 156 -39.51 39.79 -3.87
C LYS A 156 -39.02 38.83 -2.79
N ASN A 157 -39.94 38.33 -1.96
CA ASN A 157 -39.59 37.40 -0.86
C ASN A 157 -38.98 36.12 -1.40
N LEU A 158 -39.71 35.44 -2.26
CA LEU A 158 -39.25 34.20 -2.86
C LEU A 158 -37.89 34.34 -3.55
N SER A 159 -37.62 35.51 -4.14
CA SER A 159 -36.31 35.78 -4.73
C SER A 159 -35.21 35.76 -3.66
N THR A 160 -35.39 36.55 -2.60
CA THR A 160 -34.41 36.60 -1.50
C THR A 160 -34.30 35.28 -0.74
N GLN A 161 -35.39 34.52 -0.69
CA GLN A 161 -35.37 33.20 -0.07
C GLN A 161 -34.41 32.24 -0.79
N TYR A 162 -34.52 32.20 -2.13
CA TYR A 162 -33.57 31.46 -2.99
C TYR A 162 -32.17 32.06 -2.95
N GLU A 163 -32.10 33.38 -3.11
CA GLU A 163 -30.85 34.14 -3.16
C GLU A 163 -29.88 33.89 -1.99
N ARG A 164 -30.41 33.54 -0.81
CA ARG A 164 -29.55 33.19 0.34
C ARG A 164 -28.72 31.89 0.14
N TRP A 165 -29.20 30.99 -0.72
CA TRP A 165 -28.48 29.77 -1.08
C TRP A 165 -27.44 29.98 -2.18
N GLN A 166 -27.76 30.85 -3.15
CA GLN A 166 -26.85 31.18 -4.25
C GLN A 166 -26.85 32.69 -4.51
N PRO A 167 -26.06 33.44 -3.71
CA PRO A 167 -26.07 34.90 -3.82
C PRO A 167 -25.43 35.45 -5.10
N ARG A 168 -24.54 34.68 -5.73
CA ARG A 168 -23.88 35.10 -6.97
C ARG A 168 -24.52 34.38 -8.16
N ALA A 169 -25.72 34.83 -8.47
CA ALA A 169 -26.48 34.38 -9.64
C ALA A 169 -27.58 35.40 -9.86
N ARG A 170 -28.01 35.57 -11.11
CA ARG A 170 -29.04 36.56 -11.43
C ARG A 170 -30.45 35.98 -11.29
N TYR A 171 -31.31 36.76 -10.63
CA TYR A 171 -32.69 36.38 -10.32
C TYR A 171 -33.65 37.26 -11.09
N LYS A 172 -34.47 36.64 -11.93
CA LYS A 172 -35.49 37.32 -12.70
C LYS A 172 -36.84 36.74 -12.33
N VAL A 173 -37.80 37.63 -12.03
CA VAL A 173 -39.13 37.27 -11.56
C VAL A 173 -40.15 37.52 -12.66
N GLN A 174 -41.17 36.65 -12.75
CA GLN A 174 -42.29 36.81 -13.69
C GLN A 174 -43.64 36.44 -13.05
N LEU A 175 -44.48 37.46 -12.85
CA LEU A 175 -45.75 37.33 -12.14
C LEU A 175 -46.92 37.24 -13.12
N ASP A 176 -47.81 36.27 -12.88
CA ASP A 176 -48.99 36.00 -13.74
C ASP A 176 -48.71 36.28 -15.23
N PRO A 177 -47.76 35.54 -15.84
CA PRO A 177 -47.28 35.89 -17.17
C PRO A 177 -48.09 35.33 -18.34
N THR A 178 -47.73 35.80 -19.53
CA THR A 178 -48.18 35.22 -20.79
C THR A 178 -47.21 34.11 -21.16
N VAL A 179 -47.56 33.31 -22.16
CA VAL A 179 -46.60 32.37 -22.77
C VAL A 179 -45.44 33.16 -23.37
N ASP A 180 -45.75 34.31 -23.98
CA ASP A 180 -44.74 35.15 -24.64
C ASP A 180 -43.73 35.72 -23.65
N GLU A 181 -44.21 36.07 -22.46
CA GLU A 181 -43.36 36.57 -21.39
C GLU A 181 -42.43 35.48 -20.87
N VAL A 182 -42.95 34.26 -20.75
CA VAL A 182 -42.16 33.10 -20.31
C VAL A 182 -41.09 32.72 -21.35
N ARG A 183 -41.43 32.85 -22.63
CA ARG A 183 -40.50 32.58 -23.75
C ARG A 183 -39.24 33.43 -23.63
N LYS A 184 -39.45 34.74 -23.56
CA LYS A 184 -38.35 35.69 -23.42
C LYS A 184 -37.60 35.53 -22.10
N LEU A 185 -38.31 35.25 -21.02
CA LEU A 185 -37.67 34.96 -19.73
C LEU A 185 -36.64 33.84 -19.90
N CYS A 186 -37.09 32.73 -20.50
CA CYS A 186 -36.25 31.53 -20.69
C CYS A 186 -35.14 31.73 -21.72
N LEU A 187 -35.46 32.31 -22.85
CA LEU A 187 -34.44 32.63 -23.85
C LEU A 187 -33.36 33.58 -23.30
N THR A 188 -33.76 34.54 -22.45
CA THR A 188 -32.82 35.49 -21.84
C THR A 188 -31.90 34.83 -20.81
N CYS A 189 -32.48 33.97 -19.98
CA CYS A 189 -31.69 33.24 -18.96
C CYS A 189 -30.65 32.33 -19.58
N ARG A 190 -31.04 31.61 -20.63
CA ARG A 190 -30.13 30.76 -21.40
C ARG A 190 -29.02 31.57 -22.08
N LYS A 191 -29.38 32.74 -22.62
CA LYS A 191 -28.40 33.65 -23.23
C LYS A 191 -27.45 34.30 -22.22
N TYR A 192 -27.91 34.46 -20.97
CA TYR A 192 -27.08 34.97 -19.87
C TYR A 192 -26.09 33.90 -19.39
N ALA A 193 -26.62 32.74 -19.00
CA ALA A 193 -25.84 31.65 -18.40
C ALA A 193 -25.59 30.57 -19.43
N LYS A 194 -24.70 30.86 -20.38
CA LYS A 194 -24.43 29.98 -21.53
C LYS A 194 -24.27 28.48 -21.19
N THR A 195 -23.12 28.12 -20.60
CA THR A 195 -22.88 26.74 -20.14
C THR A 195 -23.34 26.52 -18.71
N GLU A 196 -23.45 27.61 -17.95
CA GLU A 196 -23.88 27.54 -16.56
C GLU A 196 -25.34 27.12 -16.48
N ARG A 197 -25.71 26.50 -15.36
CA ARG A 197 -27.05 25.96 -15.18
C ARG A 197 -28.07 27.09 -14.99
N VAL A 198 -29.26 26.88 -15.53
CA VAL A 198 -30.38 27.80 -15.33
C VAL A 198 -31.43 27.11 -14.47
N LEU A 199 -32.00 27.84 -13.52
CA LEU A 199 -33.05 27.32 -12.63
C LEU A 199 -34.40 27.90 -13.04
N PHE A 200 -35.39 27.01 -13.22
CA PHE A 200 -36.76 27.42 -13.50
C PHE A 200 -37.65 27.03 -12.32
N HIS A 201 -38.18 28.03 -11.63
CA HIS A 201 -39.12 27.81 -10.53
C HIS A 201 -40.52 28.20 -10.98
N TYR A 202 -41.41 27.20 -11.04
CA TYR A 202 -42.81 27.41 -11.43
C TYR A 202 -43.73 27.23 -10.21
N ASN A 203 -44.75 28.09 -10.12
CA ASN A 203 -45.71 28.08 -9.04
C ASN A 203 -47.12 28.21 -9.64
N GLY A 204 -47.74 27.06 -9.93
CA GLY A 204 -49.06 27.00 -10.56
C GLY A 204 -50.21 26.76 -9.58
N HIS A 205 -50.32 27.62 -8.57
CA HIS A 205 -51.39 27.54 -7.56
C HIS A 205 -52.70 28.21 -8.00
N GLY A 206 -52.60 29.31 -8.74
CA GLY A 206 -53.79 30.01 -9.26
C GLY A 206 -54.12 29.73 -10.71
N VAL A 207 -53.85 28.50 -11.15
CA VAL A 207 -54.12 28.03 -12.51
C VAL A 207 -54.45 26.54 -12.42
N PRO A 208 -55.04 25.96 -13.50
CA PRO A 208 -55.37 24.53 -13.40
C PRO A 208 -54.13 23.65 -13.38
N LYS A 209 -54.36 22.36 -13.12
CA LYS A 209 -53.27 21.41 -12.92
C LYS A 209 -52.62 21.01 -14.25
N PRO A 210 -51.34 20.59 -14.23
CA PRO A 210 -50.67 20.12 -15.45
C PRO A 210 -51.34 18.92 -16.10
N THR A 211 -51.41 18.92 -17.42
CA THR A 211 -52.17 17.92 -18.15
C THR A 211 -51.40 16.61 -18.30
N ALA A 212 -52.09 15.59 -18.83
CA ALA A 212 -51.46 14.35 -19.28
C ALA A 212 -50.84 14.45 -20.67
N ASN A 213 -51.12 15.55 -21.38
CA ASN A 213 -50.45 15.88 -22.62
C ASN A 213 -49.16 16.67 -22.40
N GLY A 214 -48.79 16.91 -21.14
CA GLY A 214 -47.51 17.53 -20.82
C GLY A 214 -47.56 19.02 -21.01
N GLU A 215 -48.42 19.66 -20.21
CA GLU A 215 -48.64 21.09 -20.28
C GLU A 215 -48.55 21.74 -18.92
N ILE A 216 -48.06 22.97 -18.93
CA ILE A 216 -48.09 23.90 -17.82
C ILE A 216 -49.13 24.95 -18.21
N TRP A 217 -49.80 25.54 -17.21
CA TRP A 217 -50.80 26.59 -17.45
C TRP A 217 -50.28 27.99 -17.07
N VAL A 218 -50.55 28.96 -17.95
CA VAL A 218 -50.18 30.36 -17.77
C VAL A 218 -51.41 31.20 -18.11
N PHE A 219 -51.25 32.49 -18.40
CA PHE A 219 -52.38 33.35 -18.74
C PHE A 219 -52.27 33.94 -20.15
N ASN A 220 -53.34 34.63 -20.54
CA ASN A 220 -53.29 35.64 -21.62
C ASN A 220 -53.28 37.01 -20.94
N LYS A 221 -53.07 38.07 -21.72
CA LYS A 221 -52.89 39.44 -21.18
C LYS A 221 -53.98 39.88 -20.20
N SER A 222 -55.24 39.75 -20.64
CA SER A 222 -56.41 40.24 -19.88
C SER A 222 -56.80 39.39 -18.66
N TYR A 223 -56.12 38.25 -18.46
CA TYR A 223 -56.41 37.30 -17.36
C TYR A 223 -57.77 36.60 -17.47
N THR A 224 -58.31 36.53 -18.70
CA THR A 224 -59.62 35.94 -18.96
C THR A 224 -59.54 34.42 -19.13
N GLN A 225 -58.46 33.96 -19.76
CA GLN A 225 -58.24 32.54 -20.05
C GLN A 225 -57.00 32.00 -19.34
N TYR A 226 -57.02 30.70 -19.05
CA TYR A 226 -55.81 29.96 -18.71
C TYR A 226 -55.29 29.40 -20.04
N ILE A 227 -54.04 29.75 -20.39
CA ILE A 227 -53.40 29.33 -21.65
C ILE A 227 -52.44 28.18 -21.36
N PRO A 228 -52.51 27.07 -22.14
CA PRO A 228 -51.61 25.95 -21.90
C PRO A 228 -50.26 26.16 -22.59
N LEU A 229 -49.19 26.23 -21.80
CA LEU A 229 -47.81 26.23 -22.30
C LEU A 229 -47.29 24.80 -22.27
N PRO A 230 -47.01 24.19 -23.45
CA PRO A 230 -46.50 22.83 -23.44
C PRO A 230 -45.05 22.74 -22.98
N ILE A 231 -44.72 21.63 -22.32
CA ILE A 231 -43.39 21.38 -21.77
C ILE A 231 -42.30 21.33 -22.85
N SER A 232 -42.65 20.82 -24.03
CA SER A 232 -41.76 20.79 -25.20
C SER A 232 -41.09 22.14 -25.48
N GLU A 233 -41.92 23.19 -25.54
CA GLU A 233 -41.45 24.54 -25.87
C GLU A 233 -40.65 25.20 -24.74
N LEU A 234 -40.97 24.87 -23.48
CA LEU A 234 -40.12 25.26 -22.34
C LEU A 234 -38.71 24.71 -22.50
N ASP A 235 -38.63 23.40 -22.71
CA ASP A 235 -37.36 22.69 -22.81
C ASP A 235 -36.57 23.02 -24.07
N SER A 236 -37.22 23.64 -25.06
CA SER A 236 -36.51 24.23 -26.20
C SER A 236 -35.83 25.54 -25.79
N TRP A 237 -36.52 26.35 -24.99
CA TRP A 237 -36.03 27.68 -24.58
C TRP A 237 -34.83 27.59 -23.63
N LEU A 238 -34.98 26.84 -22.55
CA LEU A 238 -33.85 26.43 -21.68
C LEU A 238 -33.28 25.18 -22.31
N LYS A 239 -32.05 24.81 -21.97
CA LYS A 239 -31.41 23.67 -22.62
C LYS A 239 -30.40 23.01 -21.70
N THR A 240 -29.83 21.89 -22.16
CA THR A 240 -28.91 21.01 -21.39
C THR A 240 -28.72 21.40 -19.92
N PRO A 241 -27.74 22.30 -19.60
CA PRO A 241 -27.55 22.51 -18.15
C PRO A 241 -28.68 23.35 -17.57
N SER A 242 -29.69 22.67 -17.04
CA SER A 242 -30.82 23.33 -16.40
C SER A 242 -31.51 22.42 -15.38
N ILE A 243 -32.23 23.06 -14.45
CA ILE A 243 -32.88 22.42 -13.32
C ILE A 243 -34.23 23.07 -13.11
N TYR A 244 -35.24 22.27 -12.73
CA TYR A 244 -36.62 22.76 -12.62
C TYR A 244 -37.16 22.52 -11.21
N VAL A 245 -38.06 23.40 -10.76
CA VAL A 245 -38.84 23.18 -9.53
C VAL A 245 -40.31 23.45 -9.83
N PHE A 246 -41.18 22.48 -9.55
CA PHE A 246 -42.61 22.60 -9.80
C PHE A 246 -43.39 22.47 -8.49
N ASP A 247 -43.76 23.63 -7.93
CA ASP A 247 -44.61 23.69 -6.76
C ASP A 247 -46.03 23.89 -7.27
N CYS A 248 -46.65 22.77 -7.62
CA CYS A 248 -48.05 22.72 -8.02
C CYS A 248 -48.63 21.34 -7.73
N SER A 249 -49.96 21.25 -7.78
CA SER A 249 -50.64 19.96 -7.65
C SER A 249 -50.37 19.13 -8.90
N ALA A 250 -50.45 17.81 -8.74
CA ALA A 250 -50.31 16.88 -9.86
C ALA A 250 -48.99 17.03 -10.64
N ALA A 251 -47.90 17.32 -9.94
CA ALA A 251 -46.65 17.78 -10.57
C ALA A 251 -45.84 16.71 -11.31
N ARG A 252 -45.95 15.45 -10.88
CA ARG A 252 -45.43 14.29 -11.65
C ARG A 252 -45.74 14.34 -13.14
N MET A 253 -46.96 14.78 -13.46
CA MET A 253 -47.44 14.89 -14.83
C MET A 253 -46.47 15.63 -15.75
N ILE A 254 -45.79 16.64 -15.19
CA ILE A 254 -44.74 17.38 -15.89
C ILE A 254 -43.50 16.49 -16.10
N LEU A 255 -43.07 15.79 -15.04
CA LEU A 255 -41.89 14.94 -15.13
C LEU A 255 -42.07 13.79 -16.13
N ASN A 256 -43.28 13.25 -16.21
CA ASN A 256 -43.60 12.20 -17.17
C ASN A 256 -43.52 12.76 -18.59
N ALA A 257 -43.97 14.01 -18.77
CA ALA A 257 -43.85 14.70 -20.07
C ALA A 257 -42.39 14.87 -20.48
N PHE A 258 -41.59 15.45 -19.59
CA PHE A 258 -40.14 15.59 -19.78
C PHE A 258 -39.47 14.30 -20.22
N ALA A 259 -39.83 13.18 -19.61
CA ALA A 259 -39.24 11.87 -19.92
C ALA A 259 -39.49 11.45 -21.35
N GLU A 260 -40.63 11.88 -21.91
CA GLU A 260 -41.05 11.53 -23.27
C GLU A 260 -40.67 12.57 -24.33
N LEU A 261 -39.98 13.64 -23.94
CA LEU A 261 -39.56 14.68 -24.87
C LEU A 261 -38.49 14.22 -25.83
N HIS A 262 -37.61 13.34 -25.38
CA HIS A 262 -36.46 12.92 -26.17
C HIS A 262 -36.44 11.42 -26.42
N ASP A 263 -35.62 11.03 -27.40
CA ASP A 263 -35.56 9.66 -27.86
C ASP A 263 -34.89 8.79 -26.81
N TRP A 264 -35.46 7.61 -26.59
CA TRP A 264 -35.01 6.74 -25.51
C TRP A 264 -33.75 5.97 -25.91
N GLY A 265 -32.84 5.88 -24.95
CA GLY A 265 -31.43 5.56 -25.18
C GLY A 265 -30.60 6.69 -24.60
N SER A 266 -29.42 6.91 -25.17
CA SER A 266 -28.50 7.98 -24.77
C SER A 266 -28.06 7.89 -23.29
N SER A 267 -28.05 6.69 -22.71
CA SER A 267 -27.70 6.45 -21.29
C SER A 267 -27.70 4.96 -20.92
N GLY A 268 -27.32 4.68 -19.68
CA GLY A 268 -27.34 3.31 -19.11
C GLY A 268 -27.86 3.28 -17.68
N SER A 269 -28.97 3.98 -17.44
CA SER A 269 -29.66 4.01 -16.15
C SER A 269 -31.16 3.71 -16.39
N SER A 270 -32.05 4.18 -15.52
CA SER A 270 -33.50 3.95 -15.67
C SER A 270 -34.07 4.63 -16.92
N GLY A 271 -33.93 5.95 -16.99
CA GLY A 271 -34.39 6.74 -18.12
C GLY A 271 -33.86 8.17 -18.11
N SER A 272 -32.61 8.32 -18.53
CA SER A 272 -31.91 9.62 -18.52
C SER A 272 -31.19 9.85 -19.86
N SER A 273 -30.61 11.04 -20.02
CA SER A 273 -29.84 11.40 -21.23
C SER A 273 -29.11 12.75 -21.10
N ARG A 274 -29.89 13.82 -20.90
CA ARG A 274 -29.39 15.21 -20.86
C ARG A 274 -28.93 15.56 -19.44
N ASP A 275 -28.67 16.84 -19.17
CA ASP A 275 -28.42 17.34 -17.81
C ASP A 275 -29.63 18.14 -17.30
N CYS A 276 -30.80 17.50 -17.38
CA CYS A 276 -32.07 18.11 -16.99
C CYS A 276 -32.50 17.54 -15.64
N ILE A 277 -32.48 18.38 -14.60
CA ILE A 277 -32.85 17.98 -13.23
C ILE A 277 -34.23 18.55 -12.90
N LEU A 278 -35.08 17.74 -12.26
CA LEU A 278 -36.47 18.12 -12.06
C LEU A 278 -36.96 17.77 -10.65
N LEU A 279 -37.36 18.78 -9.87
CA LEU A 279 -37.99 18.61 -8.56
C LEU A 279 -39.47 18.93 -8.66
N ALA A 280 -40.32 18.03 -8.17
CA ALA A 280 -41.76 18.25 -8.22
C ALA A 280 -42.44 17.87 -6.90
N ALA A 281 -43.46 18.64 -6.52
CA ALA A 281 -44.02 18.62 -5.17
C ALA A 281 -44.80 17.35 -4.79
N CYS A 282 -45.55 16.79 -5.73
CA CYS A 282 -46.44 15.67 -5.42
C CYS A 282 -46.60 14.74 -6.62
N ASP A 283 -47.35 13.65 -6.43
CA ASP A 283 -47.57 12.65 -7.49
C ASP A 283 -48.60 13.11 -8.54
N VAL A 284 -48.91 12.25 -9.50
CA VAL A 284 -49.85 12.55 -10.61
C VAL A 284 -51.25 12.85 -10.09
N HIS A 285 -51.83 11.88 -9.38
CA HIS A 285 -53.15 11.99 -8.77
C HIS A 285 -53.25 12.97 -7.59
N GLU A 286 -52.14 13.17 -6.88
CA GLU A 286 -52.14 14.00 -5.66
C GLU A 286 -52.35 15.50 -5.86
N THR A 287 -52.87 16.13 -4.81
CA THR A 287 -53.14 17.57 -4.74
C THR A 287 -52.47 18.10 -3.49
N LEU A 288 -52.00 19.35 -3.57
CA LEU A 288 -51.29 19.99 -2.46
C LEU A 288 -52.22 20.17 -1.26
N PRO A 289 -51.66 20.25 -0.04
CA PRO A 289 -52.53 20.32 1.15
C PRO A 289 -53.38 21.58 1.22
N GLN A 290 -54.44 21.51 2.03
CA GLN A 290 -55.36 22.64 2.23
C GLN A 290 -55.51 23.13 3.68
N SER A 291 -55.07 22.36 4.67
CA SER A 291 -55.20 22.78 6.07
C SER A 291 -54.27 23.96 6.38
N VAL A 292 -54.65 24.74 7.38
CA VAL A 292 -53.97 25.99 7.71
C VAL A 292 -52.61 25.76 8.38
N GLU A 293 -52.40 24.58 8.97
CA GLU A 293 -51.09 24.24 9.54
C GLU A 293 -49.95 24.25 8.51
N PHE A 294 -50.29 24.06 7.23
CA PHE A 294 -49.36 24.25 6.10
C PHE A 294 -49.68 25.56 5.38
N PRO A 295 -48.67 26.18 4.72
CA PRO A 295 -48.96 27.24 3.77
C PRO A 295 -49.35 26.63 2.41
N ALA A 296 -49.62 27.46 1.41
CA ALA A 296 -49.76 26.98 0.03
C ALA A 296 -48.38 26.62 -0.53
N ASP A 297 -47.38 27.39 -0.08
CA ASP A 297 -46.00 27.36 -0.55
C ASP A 297 -45.18 26.25 0.13
N VAL A 298 -45.77 25.08 0.37
CA VAL A 298 -45.15 24.08 1.28
C VAL A 298 -43.84 23.57 0.69
N PHE A 299 -43.91 23.06 -0.54
CA PHE A 299 -42.77 22.48 -1.23
C PHE A 299 -41.65 23.49 -1.38
N THR A 300 -42.01 24.69 -1.85
CA THR A 300 -41.06 25.80 -2.01
C THR A 300 -40.44 26.17 -0.66
N SER A 301 -41.29 26.40 0.34
CA SER A 301 -40.82 26.79 1.67
C SER A 301 -40.02 25.71 2.42
N CYS A 302 -40.18 24.44 2.03
CA CYS A 302 -39.27 23.37 2.48
C CYS A 302 -37.91 23.54 1.78
N LEU A 303 -37.94 23.53 0.45
CA LEU A 303 -36.74 23.63 -0.43
C LEU A 303 -35.93 24.91 -0.26
N THR A 304 -36.62 26.00 0.05
CA THR A 304 -36.04 27.34 0.00
C THR A 304 -35.88 27.99 1.41
N THR A 305 -36.75 27.63 2.37
CA THR A 305 -36.65 28.12 3.78
C THR A 305 -36.77 26.97 4.81
N PRO A 306 -35.87 25.96 4.72
CA PRO A 306 -36.02 24.69 5.45
C PRO A 306 -36.15 24.79 6.98
N ILE A 307 -35.32 25.60 7.63
CA ILE A 307 -35.30 25.66 9.09
C ILE A 307 -36.63 26.20 9.62
N LYS A 308 -37.00 27.37 9.14
CA LYS A 308 -38.27 27.99 9.50
C LYS A 308 -39.43 27.01 9.35
N MET A 309 -39.42 26.25 8.26
CA MET A 309 -40.46 25.27 7.98
C MET A 309 -40.38 24.05 8.89
N ALA A 310 -39.17 23.52 9.06
CA ALA A 310 -38.95 22.33 9.88
C ALA A 310 -39.46 22.50 11.32
N LEU A 311 -39.21 23.68 11.91
CA LEU A 311 -39.60 23.95 13.29
C LEU A 311 -41.10 24.18 13.40
N LYS A 312 -41.63 25.06 12.53
CA LYS A 312 -43.07 25.32 12.48
C LYS A 312 -43.91 24.06 12.28
N TRP A 313 -43.36 23.12 11.50
CA TRP A 313 -43.94 21.80 11.35
C TRP A 313 -43.83 21.01 12.66
N PHE A 314 -42.64 21.03 13.25
CA PHE A 314 -42.36 20.34 14.52
C PHE A 314 -43.31 20.73 15.66
N CYS A 315 -43.58 22.03 15.79
CA CYS A 315 -44.48 22.55 16.83
C CYS A 315 -45.90 22.02 16.64
N ARG A 316 -46.44 22.26 15.45
CA ARG A 316 -47.82 21.94 15.10
C ARG A 316 -48.15 20.44 15.13
N ARG A 317 -47.14 19.57 15.08
CA ARG A 317 -47.36 18.13 15.08
C ARG A 317 -46.91 17.42 16.37
N SER A 318 -45.60 17.43 16.63
CA SER A 318 -44.98 16.54 17.63
C SER A 318 -45.28 16.94 19.09
N LEU A 319 -44.86 18.14 19.49
CA LEU A 319 -45.10 18.62 20.87
C LEU A 319 -46.56 19.00 21.18
N LEU A 320 -47.42 18.96 20.15
CA LEU A 320 -48.88 19.18 20.24
C LEU A 320 -49.27 20.64 19.96
N LYS A 321 -48.39 21.58 20.33
CA LYS A 321 -48.24 22.95 19.74
C LYS A 321 -48.53 24.15 20.68
N GLU A 322 -49.62 24.09 21.45
CA GLU A 322 -50.07 25.25 22.26
C GLU A 322 -49.20 25.68 23.46
N ILE A 323 -48.17 24.88 23.79
CA ILE A 323 -47.23 25.20 24.89
C ILE A 323 -46.21 26.24 24.42
N ILE A 324 -45.64 25.99 23.23
CA ILE A 324 -44.52 26.78 22.69
C ILE A 324 -45.09 27.89 21.81
N ASP A 325 -44.70 29.14 22.10
CA ASP A 325 -45.02 30.27 21.22
C ASP A 325 -44.36 29.98 19.88
N GLU A 326 -45.20 29.89 18.85
CA GLU A 326 -44.76 29.50 17.53
C GLU A 326 -43.99 30.62 16.82
N SER A 327 -44.35 31.87 17.11
CA SER A 327 -43.74 33.03 16.47
C SER A 327 -42.31 33.34 16.93
N LEU A 328 -41.84 32.65 17.98
CA LEU A 328 -40.42 32.70 18.37
C LEU A 328 -39.51 32.15 17.27
N ILE A 329 -40.02 31.22 16.46
CA ILE A 329 -39.28 30.67 15.31
C ILE A 329 -38.87 31.76 14.29
N ASP A 330 -39.71 32.78 14.13
CA ASP A 330 -39.39 33.95 13.30
C ASP A 330 -38.30 34.84 13.92
N ARG A 331 -38.24 34.83 15.25
CA ARG A 331 -37.31 35.66 16.02
C ARG A 331 -36.19 34.81 16.66
N ILE A 332 -35.65 33.84 15.92
CA ILE A 332 -34.51 33.03 16.40
C ILE A 332 -33.24 33.86 16.25
N PRO A 333 -32.43 33.96 17.34
CA PRO A 333 -31.30 34.89 17.34
C PRO A 333 -30.08 34.39 16.57
N GLY A 334 -29.36 35.33 15.97
CA GLY A 334 -28.15 35.05 15.19
C GLY A 334 -28.42 35.09 13.70
N ARG A 335 -27.38 34.78 12.92
CA ARG A 335 -27.49 34.62 11.46
C ARG A 335 -27.07 33.21 11.06
N GLN A 336 -27.47 32.83 9.84
CA GLN A 336 -27.30 31.46 9.34
C GLN A 336 -25.84 31.05 9.10
N ASN A 337 -24.94 32.02 8.95
CA ASN A 337 -23.49 31.75 8.83
C ASN A 337 -22.79 31.38 10.15
N ASP A 338 -23.04 32.13 11.22
CA ASP A 338 -22.35 31.88 12.51
C ASP A 338 -22.78 30.57 13.14
N ARG A 339 -21.87 29.59 13.14
CA ARG A 339 -22.06 28.32 13.86
C ARG A 339 -22.07 28.49 15.40
N LYS A 340 -21.56 29.62 15.89
CA LYS A 340 -21.59 29.94 17.32
C LYS A 340 -22.86 30.67 17.79
N THR A 341 -23.75 31.05 16.86
CA THR A 341 -25.10 31.53 17.22
C THR A 341 -26.12 30.41 17.12
N LEU A 342 -27.23 30.54 17.84
CA LEU A 342 -28.26 29.49 17.90
C LEU A 342 -28.92 29.20 16.55
N LEU A 343 -29.11 30.23 15.73
CA LEU A 343 -29.71 30.06 14.39
C LEU A 343 -28.77 29.29 13.47
N GLY A 344 -27.58 29.84 13.27
CA GLY A 344 -26.59 29.23 12.40
C GLY A 344 -26.15 27.83 12.82
N GLU A 345 -26.16 27.56 14.12
CA GLU A 345 -25.84 26.22 14.63
C GLU A 345 -26.95 25.22 14.36
N LEU A 346 -28.19 25.69 14.32
CA LEU A 346 -29.33 24.85 13.95
C LEU A 346 -29.30 24.56 12.45
N ASN A 347 -28.95 25.57 11.66
CA ASN A 347 -28.79 25.43 10.20
C ASN A 347 -27.62 24.48 9.86
N TRP A 348 -26.53 24.59 10.63
CA TRP A 348 -25.36 23.69 10.54
C TRP A 348 -25.77 22.24 10.76
N ILE A 349 -26.44 21.98 11.90
CA ILE A 349 -26.94 20.64 12.25
C ILE A 349 -27.85 20.07 11.16
N PHE A 350 -28.67 20.94 10.56
CA PHE A 350 -29.60 20.53 9.51
C PHE A 350 -28.83 20.00 8.32
N THR A 351 -27.95 20.85 7.79
CA THR A 351 -27.05 20.47 6.69
C THR A 351 -26.34 19.16 7.01
N ALA A 352 -25.76 19.07 8.21
CA ALA A 352 -25.06 17.87 8.65
C ALA A 352 -25.97 16.64 8.66
N VAL A 353 -27.16 16.79 9.22
CA VAL A 353 -28.14 15.68 9.27
C VAL A 353 -28.55 15.26 7.85
N THR A 354 -28.97 16.23 7.06
CA THR A 354 -29.51 15.99 5.72
C THR A 354 -28.47 15.36 4.80
N ASP A 355 -27.31 15.98 4.74
CA ASP A 355 -26.17 15.52 3.96
C ASP A 355 -25.72 14.10 4.32
N THR A 356 -25.83 13.75 5.60
CA THR A 356 -25.52 12.39 6.08
C THR A 356 -26.49 11.35 5.56
N ILE A 357 -27.78 11.69 5.56
CA ILE A 357 -28.80 10.78 5.08
C ILE A 357 -28.53 10.50 3.60
N ALA A 358 -28.39 11.56 2.80
CA ALA A 358 -28.12 11.45 1.36
C ALA A 358 -26.91 10.56 1.04
N TRP A 359 -25.83 10.73 1.80
CA TRP A 359 -24.61 9.96 1.56
C TRP A 359 -24.78 8.45 1.81
N ASN A 360 -25.43 8.11 2.90
CA ASN A 360 -25.70 6.71 3.26
C ASN A 360 -26.75 6.02 2.39
N VAL A 361 -27.63 6.82 1.78
CA VAL A 361 -28.74 6.31 1.00
C VAL A 361 -28.34 6.15 -0.49
N LEU A 362 -27.63 7.14 -1.04
CA LEU A 362 -27.27 7.16 -2.47
C LEU A 362 -25.94 6.49 -2.80
N PRO A 363 -25.75 6.08 -4.08
CA PRO A 363 -24.45 5.64 -4.57
C PRO A 363 -23.48 6.78 -4.88
N HIS A 364 -22.19 6.45 -4.89
CA HIS A 364 -21.08 7.41 -5.10
C HIS A 364 -21.34 8.45 -6.19
N GLU A 365 -21.74 7.98 -7.38
CA GLU A 365 -21.86 8.83 -8.57
C GLU A 365 -23.02 9.82 -8.49
N LEU A 366 -24.17 9.32 -8.05
CA LEU A 366 -25.40 10.11 -7.96
C LEU A 366 -25.32 11.17 -6.86
N PHE A 367 -24.80 10.77 -5.70
CA PHE A 367 -24.53 11.69 -4.58
C PHE A 367 -23.61 12.83 -4.99
N GLN A 368 -22.54 12.51 -5.69
CA GLN A 368 -21.54 13.50 -6.08
C GLN A 368 -22.14 14.55 -7.02
N ARG A 369 -22.99 14.12 -7.94
CA ARG A 369 -23.65 15.02 -8.89
C ARG A 369 -24.63 15.97 -8.21
N LEU A 370 -25.47 15.43 -7.35
CA LEU A 370 -26.55 16.20 -6.70
C LEU A 370 -26.11 16.95 -5.46
N PHE A 371 -25.23 16.33 -4.65
CA PHE A 371 -24.86 16.88 -3.33
C PHE A 371 -23.47 17.52 -3.22
N ARG A 372 -22.63 17.40 -4.24
CA ARG A 372 -21.24 17.96 -4.25
C ARG A 372 -20.86 18.89 -5.42
N GLN A 373 -21.68 18.94 -6.47
CA GLN A 373 -21.28 19.58 -7.74
C GLN A 373 -21.62 21.07 -7.80
N ASP A 374 -22.87 21.40 -7.47
CA ASP A 374 -23.42 22.75 -7.56
C ASP A 374 -23.92 23.16 -6.19
N LEU A 375 -23.42 24.29 -5.69
CA LEU A 375 -23.81 24.80 -4.36
C LEU A 375 -25.31 24.94 -4.18
N LEU A 376 -26.02 25.25 -5.28
CA LEU A 376 -27.47 25.46 -5.24
C LEU A 376 -28.26 24.15 -5.36
N VAL A 377 -27.78 23.22 -6.18
CA VAL A 377 -28.41 21.90 -6.31
C VAL A 377 -28.21 21.10 -5.02
N ALA A 378 -27.03 21.20 -4.43
CA ALA A 378 -26.73 20.62 -3.10
C ALA A 378 -27.69 21.12 -2.02
N SER A 379 -27.95 22.43 -2.02
CA SER A 379 -28.92 23.03 -1.12
C SER A 379 -30.33 22.53 -1.43
N LEU A 380 -30.75 22.65 -2.69
CA LEU A 380 -32.09 22.21 -3.09
C LEU A 380 -32.35 20.73 -2.80
N PHE A 381 -31.38 19.86 -3.09
CA PHE A 381 -31.54 18.43 -2.84
C PHE A 381 -31.40 18.05 -1.38
N ARG A 382 -30.56 18.77 -0.63
CA ARG A 382 -30.57 18.64 0.83
C ARG A 382 -31.98 18.96 1.31
N ASN A 383 -32.39 20.21 1.09
CA ASN A 383 -33.68 20.71 1.56
C ASN A 383 -34.88 19.87 1.00
N PHE A 384 -34.70 19.23 -0.16
CA PHE A 384 -35.68 18.27 -0.71
C PHE A 384 -35.98 17.09 0.21
N LEU A 385 -35.02 16.66 1.02
CA LEU A 385 -35.23 15.54 1.96
C LEU A 385 -36.17 15.93 3.11
N LEU A 386 -36.23 17.22 3.44
CA LEU A 386 -37.23 17.77 4.36
C LEU A 386 -38.63 17.73 3.73
N ALA A 387 -38.72 18.07 2.45
CA ALA A 387 -39.97 17.94 1.71
C ALA A 387 -40.42 16.48 1.63
N GLU A 388 -39.48 15.58 1.36
CA GLU A 388 -39.70 14.12 1.41
C GLU A 388 -40.44 13.68 2.68
N ARG A 389 -40.17 14.38 3.78
CA ARG A 389 -40.73 14.08 5.09
C ARG A 389 -42.06 14.80 5.40
N ILE A 390 -42.09 16.12 5.18
CA ILE A 390 -43.24 16.97 5.53
C ILE A 390 -44.42 16.72 4.59
N MET A 391 -44.19 16.88 3.29
CA MET A 391 -45.23 16.69 2.26
C MET A 391 -45.95 15.36 2.49
N ARG A 392 -45.16 14.30 2.70
CA ARG A 392 -45.63 12.96 3.09
C ARG A 392 -46.78 12.99 4.11
N SER A 393 -46.59 13.79 5.16
CA SER A 393 -47.60 13.96 6.23
C SER A 393 -48.92 14.62 5.77
N ALA A 394 -48.90 15.25 4.60
CA ALA A 394 -50.04 16.00 4.07
C ALA A 394 -50.60 15.42 2.76
N ASN A 395 -50.54 14.10 2.60
CA ASN A 395 -50.94 13.40 1.37
C ASN A 395 -50.27 13.97 0.10
N CYS A 396 -48.94 13.95 0.11
CA CYS A 396 -48.13 14.35 -1.03
C CYS A 396 -46.82 13.57 -1.05
N ASN A 397 -46.40 13.13 -2.25
CA ASN A 397 -45.19 12.34 -2.42
C ASN A 397 -44.35 12.98 -3.53
N PRO A 398 -43.34 13.78 -3.16
CA PRO A 398 -42.52 14.47 -4.17
C PRO A 398 -41.48 13.56 -4.86
N ILE A 399 -41.09 13.93 -6.08
CA ILE A 399 -40.10 13.20 -6.86
C ILE A 399 -39.13 14.14 -7.57
N SER A 400 -37.84 13.78 -7.48
CA SER A 400 -36.78 14.39 -8.25
C SER A 400 -36.62 13.57 -9.53
N HIS A 401 -35.96 14.11 -10.55
CA HIS A 401 -35.75 13.31 -11.77
C HIS A 401 -34.66 12.26 -11.58
N PRO A 402 -33.40 12.67 -11.29
CA PRO A 402 -32.58 11.61 -10.71
C PRO A 402 -33.32 11.25 -9.43
N MET A 403 -33.82 10.03 -9.38
CA MET A 403 -35.00 9.74 -8.56
C MET A 403 -34.75 9.67 -7.06
N LEU A 404 -33.61 9.12 -6.67
CA LEU A 404 -33.22 8.89 -5.27
C LEU A 404 -34.20 8.04 -4.40
N PRO A 405 -33.65 7.09 -3.59
CA PRO A 405 -34.44 6.21 -2.73
C PRO A 405 -35.29 6.91 -1.66
N PRO A 406 -36.17 6.15 -0.98
CA PRO A 406 -36.92 6.68 0.15
C PRO A 406 -36.03 7.21 1.28
N THR A 407 -36.24 8.47 1.62
CA THR A 407 -35.36 9.21 2.54
C THR A 407 -36.02 9.50 3.89
N HIS A 408 -37.35 9.65 3.91
CA HIS A 408 -38.10 9.81 5.17
C HIS A 408 -37.94 8.58 6.05
N GLN A 409 -38.14 8.77 7.35
CA GLN A 409 -37.92 7.74 8.37
C GLN A 409 -36.60 6.98 8.16
N HIS A 410 -35.53 7.76 8.26
CA HIS A 410 -34.17 7.30 8.37
C HIS A 410 -33.78 7.52 9.82
N HIS A 411 -33.03 6.59 10.39
CA HIS A 411 -32.44 6.79 11.73
C HIS A 411 -31.38 7.89 11.64
N MET A 412 -31.84 9.12 11.72
CA MET A 412 -31.00 10.33 11.60
C MET A 412 -31.85 11.60 11.67
N TRP A 413 -33.05 11.55 11.08
CA TRP A 413 -34.09 12.52 11.37
C TRP A 413 -34.43 12.56 12.87
N ASP A 414 -34.32 11.40 13.54
CA ASP A 414 -34.38 11.28 15.01
C ASP A 414 -33.43 12.24 15.72
N ALA A 415 -32.20 12.29 15.23
CA ALA A 415 -31.18 13.23 15.74
C ALA A 415 -31.51 14.70 15.47
N TRP A 416 -32.13 14.97 14.33
CA TRP A 416 -32.64 16.33 14.03
C TRP A 416 -33.76 16.71 14.99
N ASP A 417 -34.74 15.81 15.15
CA ASP A 417 -35.89 16.05 16.03
C ASP A 417 -35.46 16.40 17.45
N MET A 418 -34.49 15.65 17.96
CA MET A 418 -33.86 15.91 19.27
C MET A 418 -33.21 17.28 19.38
N ALA A 419 -32.39 17.62 18.39
CA ALA A 419 -31.67 18.90 18.36
C ALA A 419 -32.61 20.09 18.23
N ALA A 420 -33.68 19.92 17.46
CA ALA A 420 -34.71 20.95 17.29
C ALA A 420 -35.57 21.16 18.54
N GLU A 421 -35.86 20.10 19.29
CA GLU A 421 -36.60 20.22 20.56
C GLU A 421 -35.75 20.93 21.60
N ILE A 422 -34.47 20.55 21.70
CA ILE A 422 -33.50 21.17 22.61
C ILE A 422 -33.28 22.65 22.24
N CYS A 423 -33.35 22.97 20.95
CA CYS A 423 -33.30 24.37 20.48
C CYS A 423 -34.56 25.16 20.85
N LEU A 424 -35.72 24.61 20.52
CA LEU A 424 -37.00 25.33 20.70
C LEU A 424 -37.36 25.63 22.16
N SER A 425 -36.99 24.75 23.09
CA SER A 425 -37.21 24.99 24.52
C SER A 425 -36.32 26.11 25.04
N GLN A 426 -35.06 26.08 24.61
CA GLN A 426 -34.06 27.12 24.90
C GLN A 426 -34.47 28.51 24.39
N LEU A 427 -35.16 28.53 23.26
CA LEU A 427 -35.56 29.76 22.56
C LEU A 427 -36.44 30.69 23.38
N PRO A 428 -37.32 30.10 24.19
CA PRO A 428 -38.22 30.84 25.07
C PRO A 428 -37.50 31.80 26.03
N GLN A 429 -36.35 31.37 26.56
CA GLN A 429 -35.61 32.13 27.58
C GLN A 429 -34.54 33.07 27.02
N LEU A 430 -33.99 32.74 25.85
CA LEU A 430 -33.08 33.65 25.13
C LEU A 430 -33.76 34.93 24.64
N VAL A 431 -35.08 34.87 24.50
CA VAL A 431 -35.88 36.05 24.15
C VAL A 431 -36.14 36.92 25.38
N LEU A 432 -36.29 36.32 26.56
CA LEU A 432 -36.42 37.09 27.82
C LEU A 432 -35.26 38.06 28.07
N ASP A 433 -34.06 37.66 27.65
CA ASP A 433 -32.91 38.57 27.56
C ASP A 433 -31.88 37.98 26.60
N PRO A 434 -31.30 38.81 25.70
CA PRO A 434 -30.11 38.34 24.97
C PRO A 434 -28.93 38.09 25.93
N SER A 435 -28.99 36.94 26.60
CA SER A 435 -28.00 36.53 27.60
C SER A 435 -26.77 35.93 26.94
N THR A 436 -26.94 35.50 25.68
CA THR A 436 -26.02 34.63 24.95
C THR A 436 -25.44 33.48 25.80
N GLU A 437 -26.30 32.92 26.66
CA GLU A 437 -26.00 31.69 27.37
C GLU A 437 -26.62 30.59 26.51
N PHE A 438 -26.07 30.47 25.30
CA PHE A 438 -26.51 29.48 24.32
C PHE A 438 -25.51 28.33 24.44
N GLN A 439 -25.99 27.20 24.96
CA GLN A 439 -25.16 26.01 25.09
C GLN A 439 -25.08 25.33 23.73
N PRO A 440 -23.86 25.16 23.19
CA PRO A 440 -23.73 24.42 21.92
C PRO A 440 -24.30 23.01 22.02
N SER A 441 -25.15 22.62 21.06
CA SER A 441 -25.82 21.31 21.09
C SER A 441 -24.83 20.15 21.13
N PRO A 442 -25.16 19.07 21.86
CA PRO A 442 -24.26 17.92 21.94
C PRO A 442 -24.11 17.19 20.61
N PHE A 443 -25.15 17.25 19.77
CA PHE A 443 -25.21 16.61 18.44
C PHE A 443 -23.89 16.17 17.84
N PHE A 444 -22.97 17.11 17.65
CA PHE A 444 -21.69 16.83 17.01
C PHE A 444 -20.82 15.88 17.85
N THR A 445 -20.65 16.21 19.13
CA THR A 445 -19.94 15.35 20.09
C THR A 445 -20.56 13.95 20.17
N GLU A 446 -21.90 13.89 20.26
CA GLU A 446 -22.65 12.63 20.28
C GLU A 446 -22.37 11.75 19.06
N GLN A 447 -22.25 12.37 17.88
CA GLN A 447 -22.09 11.64 16.62
C GLN A 447 -20.65 11.14 16.38
N LEU A 448 -19.67 11.93 16.79
CA LEU A 448 -18.26 11.52 16.72
C LEU A 448 -17.97 10.33 17.65
N THR A 449 -18.73 10.20 18.74
CA THR A 449 -18.61 9.04 19.64
C THR A 449 -19.15 7.77 18.96
N ALA A 450 -20.25 7.89 18.21
CA ALA A 450 -20.79 6.77 17.42
C ALA A 450 -19.91 6.37 16.22
N PHE A 451 -19.03 7.27 15.80
CA PHE A 451 -17.98 6.99 14.82
C PHE A 451 -16.82 6.21 15.44
N GLU A 452 -16.46 6.56 16.69
CA GLU A 452 -15.47 5.79 17.48
C GLU A 452 -15.91 4.36 17.79
N VAL A 453 -17.19 4.21 18.13
CA VAL A 453 -17.79 2.89 18.35
C VAL A 453 -17.72 2.04 17.07
N TRP A 454 -17.99 2.66 15.92
CA TRP A 454 -17.88 1.97 14.63
C TRP A 454 -16.44 1.56 14.33
N LEU A 455 -15.49 2.43 14.64
CA LEU A 455 -14.06 2.18 14.38
C LEU A 455 -13.46 1.01 15.16
N ASP A 456 -14.08 0.65 16.28
CA ASP A 456 -13.69 -0.54 17.02
C ASP A 456 -14.44 -1.75 16.48
N HIS A 457 -15.75 -1.83 16.75
CA HIS A 457 -16.57 -3.00 16.42
C HIS A 457 -17.09 -2.98 14.97
N GLY A 458 -16.97 -4.11 14.28
CA GLY A 458 -17.44 -4.28 12.90
C GLY A 458 -16.69 -3.43 11.87
N SER A 459 -15.45 -3.07 12.21
CA SER A 459 -14.69 -2.06 11.47
C SER A 459 -13.96 -2.65 10.25
N GLU A 460 -14.74 -3.08 9.26
CA GLU A 460 -14.23 -3.87 8.12
C GLU A 460 -14.73 -3.25 6.81
N HIS A 461 -14.84 -4.07 5.75
CA HIS A 461 -15.80 -3.82 4.67
C HIS A 461 -17.14 -4.43 5.11
N LYS A 462 -17.72 -3.83 6.15
CA LYS A 462 -19.01 -4.24 6.70
C LYS A 462 -19.90 -3.00 6.72
N LYS A 463 -20.14 -2.47 5.52
CA LYS A 463 -20.98 -1.30 5.27
C LYS A 463 -20.41 -0.01 5.90
N PRO A 464 -20.48 1.13 5.20
CA PRO A 464 -19.85 2.38 5.66
C PRO A 464 -20.15 2.78 7.12
N PRO A 465 -19.33 3.69 7.69
CA PRO A 465 -19.51 4.11 9.08
C PRO A 465 -20.66 5.10 9.37
N GLU A 466 -21.32 5.63 8.34
CA GLU A 466 -22.52 6.49 8.49
C GLU A 466 -22.27 7.90 9.03
N GLN A 467 -21.47 8.00 10.08
CA GLN A 467 -21.17 9.31 10.68
C GLN A 467 -20.16 10.11 9.84
N LEU A 468 -19.61 9.50 8.77
CA LEU A 468 -18.49 10.07 8.00
C LEU A 468 -18.77 11.48 7.46
N PRO A 469 -19.92 11.69 6.79
CA PRO A 469 -20.25 13.06 6.37
C PRO A 469 -20.30 14.09 7.50
N ILE A 470 -20.70 13.66 8.70
CA ILE A 470 -20.68 14.52 9.91
C ILE A 470 -19.26 14.82 10.40
N VAL A 471 -18.33 13.87 10.27
CA VAL A 471 -16.92 14.12 10.62
C VAL A 471 -16.35 15.25 9.74
N LEU A 472 -16.74 15.26 8.47
CA LEU A 472 -16.38 16.36 7.56
C LEU A 472 -16.90 17.71 8.03
N GLN A 473 -18.17 17.75 8.45
CA GLN A 473 -18.80 18.99 8.94
C GLN A 473 -18.09 19.57 10.16
N VAL A 474 -17.54 18.69 11.00
CA VAL A 474 -16.81 19.09 12.20
C VAL A 474 -15.44 19.70 11.85
N LEU A 475 -14.78 19.22 10.80
CA LEU A 475 -13.53 19.82 10.29
C LEU A 475 -13.65 21.30 9.94
N LEU A 476 -14.89 21.73 9.72
CA LEU A 476 -15.21 23.10 9.33
C LEU A 476 -15.24 24.08 10.51
N SER A 477 -15.23 23.56 11.75
CA SER A 477 -15.22 24.39 12.96
C SER A 477 -14.12 23.93 13.90
N GLN A 478 -13.40 24.87 14.50
CA GLN A 478 -12.37 24.55 15.50
C GLN A 478 -12.92 23.78 16.73
N CYS A 479 -14.19 24.02 17.05
CA CYS A 479 -14.90 23.41 18.21
C CYS A 479 -14.50 21.96 18.56
N HIS A 480 -14.47 21.07 17.57
CA HIS A 480 -14.04 19.67 17.77
C HIS A 480 -13.14 19.18 16.62
N ARG A 481 -12.28 20.08 16.16
CA ARG A 481 -11.43 19.85 14.99
C ARG A 481 -10.38 18.76 15.21
N PHE A 482 -9.71 18.78 16.36
CA PHE A 482 -8.62 17.84 16.64
C PHE A 482 -9.12 16.41 16.76
N ARG A 483 -10.23 16.18 17.47
CA ARG A 483 -10.75 14.81 17.64
C ARG A 483 -11.32 14.29 16.33
N ALA A 484 -11.94 15.17 15.55
CA ALA A 484 -12.44 14.80 14.22
C ALA A 484 -11.31 14.35 13.28
N LEU A 485 -10.26 15.18 13.19
CA LEU A 485 -9.06 14.85 12.42
C LEU A 485 -8.39 13.55 12.90
N VAL A 486 -8.28 13.40 14.21
CA VAL A 486 -7.77 12.17 14.83
C VAL A 486 -8.59 10.96 14.39
N LEU A 487 -9.92 11.05 14.51
CA LEU A 487 -10.80 9.93 14.15
C LEU A 487 -10.81 9.67 12.65
N LEU A 488 -10.72 10.73 11.86
CA LEU A 488 -10.59 10.60 10.41
C LEU A 488 -9.34 9.80 10.06
N GLY A 489 -8.20 10.20 10.63
CA GLY A 489 -6.92 9.49 10.44
C GLY A 489 -6.98 8.03 10.87
N ARG A 490 -7.56 7.81 12.05
CA ARG A 490 -7.87 6.46 12.56
C ARG A 490 -8.64 5.64 11.51
N PHE A 491 -9.60 6.29 10.85
CA PHE A 491 -10.40 5.67 9.77
C PHE A 491 -9.61 5.47 8.48
N LEU A 492 -8.87 6.49 8.03
CA LEU A 492 -8.06 6.39 6.81
C LEU A 492 -7.04 5.25 6.90
N ASP A 493 -6.52 5.06 8.11
CA ASP A 493 -5.50 4.06 8.39
C ASP A 493 -5.90 2.62 8.03
N MET A 494 -7.19 2.29 8.13
CA MET A 494 -7.61 0.88 7.95
C MET A 494 -7.55 0.36 6.50
N GLY A 495 -7.39 1.26 5.53
CA GLY A 495 -7.02 0.85 4.18
C GLY A 495 -7.35 1.83 3.08
N SER A 496 -6.94 1.49 1.87
CA SER A 496 -7.22 2.27 0.66
C SER A 496 -8.72 2.53 0.46
N TRP A 497 -9.54 1.51 0.69
CA TRP A 497 -11.01 1.61 0.64
C TRP A 497 -11.56 2.76 1.51
N ALA A 498 -10.98 2.95 2.68
CA ALA A 498 -11.42 3.97 3.63
C ALA A 498 -10.94 5.35 3.19
N VAL A 499 -9.79 5.41 2.54
CA VAL A 499 -9.32 6.64 1.89
C VAL A 499 -10.28 6.98 0.73
N ASP A 500 -10.63 5.97 -0.06
CA ASP A 500 -11.61 6.11 -1.15
C ASP A 500 -12.99 6.59 -0.65
N LEU A 501 -13.42 6.09 0.51
CA LEU A 501 -14.68 6.54 1.14
C LEU A 501 -14.62 7.99 1.62
N ALA A 502 -13.50 8.36 2.25
CA ALA A 502 -13.33 9.72 2.78
C ALA A 502 -13.29 10.77 1.66
N LEU A 503 -12.47 10.50 0.65
CA LEU A 503 -12.39 11.36 -0.53
C LEU A 503 -13.73 11.50 -1.27
N SER A 504 -14.53 10.44 -1.24
CA SER A 504 -15.88 10.45 -1.83
C SER A 504 -16.86 11.40 -1.12
N VAL A 505 -16.78 11.44 0.22
CA VAL A 505 -17.53 12.40 1.02
C VAL A 505 -17.14 13.84 0.64
N GLY A 506 -15.85 14.08 0.43
CA GLY A 506 -15.35 15.39 -0.02
C GLY A 506 -14.40 16.04 0.97
N ILE A 507 -13.52 15.21 1.53
CA ILE A 507 -12.60 15.62 2.58
C ILE A 507 -11.38 16.35 2.00
N PHE A 508 -11.09 16.09 0.73
CA PHE A 508 -9.90 16.62 0.07
C PHE A 508 -9.67 18.14 0.23
N PRO A 509 -10.64 18.98 -0.19
CA PRO A 509 -10.38 20.42 -0.13
C PRO A 509 -10.31 21.03 1.29
N TYR A 510 -11.00 20.42 2.26
CA TYR A 510 -10.99 20.92 3.63
C TYR A 510 -9.69 20.57 4.33
N VAL A 511 -9.27 19.32 4.17
CA VAL A 511 -7.96 18.86 4.65
C VAL A 511 -6.83 19.61 3.95
N LEU A 512 -7.04 19.99 2.68
CA LEU A 512 -6.08 20.82 1.95
C LEU A 512 -5.98 22.24 2.49
N LYS A 513 -7.10 22.86 2.83
CA LYS A 513 -7.08 24.21 3.41
C LYS A 513 -6.47 24.23 4.82
N LEU A 514 -6.65 23.15 5.57
CA LEU A 514 -6.03 23.00 6.90
C LEU A 514 -4.49 23.02 6.88
N LEU A 515 -3.87 22.93 5.69
CA LEU A 515 -2.43 23.21 5.52
C LEU A 515 -2.04 24.70 5.58
N GLN A 516 -2.93 25.55 6.07
CA GLN A 516 -2.59 26.91 6.49
C GLN A 516 -2.79 27.13 8.01
N THR A 517 -3.09 26.05 8.75
CA THR A 517 -3.28 26.11 10.19
C THR A 517 -1.94 25.94 10.90
N THR A 518 -1.54 26.95 11.65
CA THR A 518 -0.25 26.96 12.38
C THR A 518 -0.29 26.12 13.67
N THR A 519 -1.48 25.88 14.21
CA THR A 519 -1.69 25.06 15.42
C THR A 519 -0.90 23.74 15.40
N ASN A 520 0.16 23.68 16.21
CA ASN A 520 1.02 22.49 16.32
C ASN A 520 0.27 21.26 16.84
N GLU A 521 -0.81 21.51 17.59
CA GLU A 521 -1.79 20.48 17.97
C GLU A 521 -2.19 19.60 16.79
N LEU A 522 -2.44 20.24 15.64
CA LEU A 522 -2.87 19.51 14.44
C LEU A 522 -1.73 18.81 13.74
N ARG A 523 -0.78 19.58 13.22
CA ARG A 523 0.21 19.13 12.21
C ARG A 523 0.62 17.64 12.20
N GLN A 524 0.89 17.06 13.37
CA GLN A 524 1.23 15.63 13.46
C GLN A 524 0.13 14.73 12.87
N ILE A 525 -1.13 15.09 13.11
CA ILE A 525 -2.29 14.40 12.54
C ILE A 525 -2.43 14.71 11.04
N LEU A 526 -2.22 15.98 10.66
CA LEU A 526 -2.37 16.40 9.26
C LEU A 526 -1.37 15.75 8.31
N VAL A 527 -0.12 15.61 8.77
CA VAL A 527 0.90 14.89 7.99
C VAL A 527 0.43 13.45 7.75
N PHE A 528 -0.08 12.81 8.81
CA PHE A 528 -0.57 11.44 8.74
C PHE A 528 -1.78 11.25 7.82
N ILE A 529 -2.74 12.16 7.89
CA ILE A 529 -3.89 12.15 6.97
C ILE A 529 -3.41 12.22 5.53
N TRP A 530 -2.52 13.18 5.26
CA TRP A 530 -1.98 13.40 3.92
C TRP A 530 -1.10 12.27 3.41
N THR A 531 -0.36 11.65 4.32
CA THR A 531 0.36 10.41 4.00
C THR A 531 -0.60 9.38 3.42
N LYS A 532 -1.71 9.16 4.10
CA LYS A 532 -2.68 8.12 3.70
C LYS A 532 -3.34 8.46 2.37
N ILE A 533 -3.64 9.76 2.17
CA ILE A 533 -4.25 10.24 0.93
C ILE A 533 -3.26 10.07 -0.22
N LEU A 534 -2.04 10.59 -0.06
CA LEU A 534 -1.00 10.48 -1.10
C LEU A 534 -0.48 9.06 -1.35
N ALA A 535 -0.63 8.17 -0.37
CA ALA A 535 -0.32 6.75 -0.57
C ALA A 535 -1.26 6.08 -1.57
N LEU A 536 -2.54 6.51 -1.56
CA LEU A 536 -3.53 6.07 -2.54
C LEU A 536 -3.36 6.81 -3.87
N ASP A 537 -3.64 8.11 -3.87
CA ASP A 537 -3.67 8.92 -5.09
C ASP A 537 -2.44 9.82 -5.15
N LYS A 538 -1.53 9.50 -6.06
CA LYS A 538 -0.34 10.30 -6.30
C LYS A 538 -0.69 11.69 -6.87
N SER A 539 -1.77 11.77 -7.67
CA SER A 539 -2.10 12.97 -8.46
C SER A 539 -2.39 14.26 -7.68
N CYS A 540 -2.60 14.17 -6.37
CA CYS A 540 -2.80 15.35 -5.51
C CYS A 540 -1.62 16.32 -5.43
N GLN A 541 -0.46 15.91 -5.95
CA GLN A 541 0.65 16.81 -6.32
C GLN A 541 0.21 18.21 -6.74
N ILE A 542 -0.65 18.25 -7.74
CA ILE A 542 -0.97 19.48 -8.46
C ILE A 542 -1.69 20.46 -7.52
N ASP A 543 -2.66 19.94 -6.78
CA ASP A 543 -3.42 20.74 -5.81
C ASP A 543 -2.58 21.19 -4.61
N LEU A 544 -1.71 20.31 -4.12
CA LEU A 544 -0.84 20.62 -2.97
C LEU A 544 0.15 21.73 -3.28
N VAL A 545 0.76 21.68 -4.45
CA VAL A 545 1.73 22.69 -4.88
C VAL A 545 1.06 24.04 -5.17
N LYS A 546 -0.12 24.02 -5.81
CA LYS A 546 -0.84 25.25 -6.14
C LYS A 546 -1.24 26.10 -4.94
N ASP A 547 -1.54 25.48 -3.80
CA ASP A 547 -1.88 26.20 -2.55
C ASP A 547 -0.68 26.44 -1.61
N GLY A 548 0.52 26.04 -2.05
CA GLY A 548 1.72 26.16 -1.22
C GLY A 548 1.72 25.16 -0.06
N GLY A 549 1.02 24.05 -0.24
CA GLY A 549 0.91 23.02 0.81
C GLY A 549 2.23 22.34 1.11
N HIS A 550 3.06 22.21 0.08
CA HIS A 550 4.42 21.67 0.22
C HIS A 550 5.23 22.27 1.37
N THR A 551 5.06 23.57 1.62
CA THR A 551 5.74 24.26 2.72
C THR A 551 5.35 23.69 4.09
N TYR A 552 4.08 23.31 4.25
CA TYR A 552 3.61 22.71 5.50
C TYR A 552 4.45 21.51 5.96
N PHE A 553 4.89 20.70 5.00
CA PHE A 553 5.66 19.48 5.29
C PHE A 553 7.15 19.74 5.40
N ILE A 554 7.65 20.76 4.69
CA ILE A 554 9.05 21.19 4.79
C ILE A 554 9.29 21.80 6.17
N ARG A 555 8.34 22.61 6.66
CA ARG A 555 8.35 23.08 8.04
C ARG A 555 8.45 21.90 9.01
N PHE A 556 7.64 20.89 8.75
CA PHE A 556 7.58 19.70 9.61
C PHE A 556 8.89 18.90 9.62
N LEU A 557 9.61 18.87 8.51
CA LEU A 557 10.96 18.27 8.49
C LEU A 557 11.96 19.04 9.34
N ASP A 558 11.93 20.37 9.24
CA ASP A 558 12.81 21.26 10.04
C ASP A 558 12.31 21.60 11.44
N SER A 559 11.17 21.03 11.83
CA SER A 559 10.51 21.35 13.10
C SER A 559 11.28 20.80 14.31
N SER A 560 10.93 21.32 15.49
CA SER A 560 11.36 20.76 16.77
C SER A 560 10.40 19.66 17.29
N GLY A 561 9.27 19.46 16.58
CA GLY A 561 8.34 18.37 16.86
C GLY A 561 9.00 17.01 16.70
N ALA A 562 9.03 16.25 17.79
CA ALA A 562 9.78 15.00 17.89
C ALA A 562 9.18 13.88 17.03
N PHE A 563 9.76 12.67 17.15
CA PHE A 563 9.27 11.44 16.50
C PHE A 563 9.73 11.44 15.02
N PRO A 564 10.74 10.62 14.66
CA PRO A 564 11.26 10.58 13.29
C PRO A 564 10.43 9.75 12.31
N GLU A 565 9.50 8.95 12.82
CA GLU A 565 8.55 8.21 11.99
C GLU A 565 7.55 9.19 11.35
N GLN A 566 7.17 10.21 12.10
CA GLN A 566 6.41 11.34 11.57
C GLN A 566 7.20 12.08 10.49
N ARG A 567 8.51 12.23 10.70
CA ARG A 567 9.39 12.91 9.72
C ARG A 567 9.61 12.12 8.42
N ALA A 568 9.57 10.80 8.51
CA ALA A 568 9.61 9.95 7.31
C ALA A 568 8.39 10.19 6.43
N MET A 569 7.22 10.24 7.08
CA MET A 569 5.95 10.61 6.44
C MET A 569 6.04 11.97 5.75
N ALA A 570 6.58 12.96 6.46
CA ALA A 570 6.83 14.27 5.87
C ALA A 570 7.68 14.15 4.62
N ALA A 571 8.78 13.40 4.71
CA ALA A 571 9.68 13.15 3.57
C ALA A 571 9.00 12.36 2.44
N PHE A 572 8.11 11.44 2.80
CA PHE A 572 7.30 10.68 1.82
C PHE A 572 6.28 11.57 1.11
N VAL A 573 5.53 12.34 1.90
CA VAL A 573 4.58 13.32 1.37
C VAL A 573 5.27 14.27 0.38
N LEU A 574 6.47 14.76 0.71
CA LEU A 574 7.25 15.63 -0.19
C LEU A 574 7.80 14.91 -1.42
N ALA A 575 8.21 13.65 -1.23
CA ALA A 575 8.72 12.82 -2.33
C ALA A 575 7.66 12.60 -3.40
N VAL A 576 6.42 12.39 -2.95
CA VAL A 576 5.28 12.23 -3.85
C VAL A 576 4.93 13.57 -4.50
N ILE A 577 4.99 14.65 -3.71
CA ILE A 577 4.76 16.02 -4.24
C ILE A 577 5.70 16.35 -5.40
N VAL A 578 6.93 15.89 -5.27
CA VAL A 578 7.98 16.14 -6.25
C VAL A 578 7.94 15.18 -7.46
N ASP A 579 7.56 13.91 -7.21
CA ASP A 579 7.63 12.80 -8.19
C ASP A 579 7.14 13.10 -9.61
N GLY A 580 8.09 13.39 -10.51
CA GLY A 580 7.80 13.62 -11.92
C GLY A 580 6.93 14.83 -12.15
N HIS A 581 7.26 15.92 -11.46
CA HIS A 581 6.39 17.09 -11.33
C HIS A 581 7.25 18.35 -11.13
N ARG A 582 7.69 18.93 -12.24
CA ARG A 582 8.70 20.00 -12.20
C ARG A 582 8.24 21.27 -11.50
N ARG A 583 6.93 21.52 -11.52
CA ARG A 583 6.34 22.64 -10.77
C ARG A 583 6.56 22.42 -9.27
N GLY A 584 6.39 21.16 -8.83
CA GLY A 584 6.65 20.77 -7.45
C GLY A 584 8.13 20.74 -7.09
N GLN A 585 8.96 20.26 -8.02
CA GLN A 585 10.41 20.26 -7.84
C GLN A 585 10.93 21.67 -7.62
N GLU A 586 10.63 22.55 -8.56
CA GLU A 586 11.02 23.96 -8.49
C GLU A 586 10.51 24.67 -7.22
N ALA A 587 9.29 24.35 -6.79
CA ALA A 587 8.74 24.93 -5.57
C ALA A 587 9.51 24.48 -4.33
N CYS A 588 9.75 23.18 -4.23
CA CYS A 588 10.54 22.61 -3.14
C CYS A 588 12.02 22.99 -3.22
N LEU A 589 12.51 23.29 -4.42
CA LEU A 589 13.89 23.74 -4.61
C LEU A 589 14.09 25.13 -4.01
N GLU A 590 13.16 26.05 -4.30
CA GLU A 590 13.17 27.39 -3.71
C GLU A 590 12.95 27.35 -2.19
N ALA A 591 12.17 26.37 -1.73
CA ALA A 591 11.92 26.14 -0.30
C ALA A 591 13.07 25.42 0.43
N ASN A 592 14.17 25.14 -0.27
CA ASN A 592 15.42 24.66 0.33
C ASN A 592 15.30 23.24 0.88
N LEU A 593 14.56 22.39 0.15
CA LEU A 593 14.35 20.99 0.54
C LEU A 593 15.63 20.14 0.41
N ILE A 594 16.60 20.60 -0.38
CA ILE A 594 17.91 19.96 -0.45
C ILE A 594 18.66 20.20 0.88
N GLY A 595 18.64 21.44 1.35
CA GLY A 595 19.25 21.80 2.63
C GLY A 595 18.61 21.13 3.83
N VAL A 596 17.28 21.16 3.88
CA VAL A 596 16.50 20.53 4.97
C VAL A 596 16.87 19.05 5.12
N CYS A 597 16.71 18.31 4.02
CA CYS A 597 17.01 16.88 3.99
C CYS A 597 18.46 16.60 4.37
N LEU A 598 19.40 17.24 3.67
CA LEU A 598 20.83 17.02 3.91
C LEU A 598 21.30 17.43 5.30
N GLY A 599 20.57 18.34 5.96
CA GLY A 599 20.82 18.66 7.36
C GLY A 599 20.63 17.49 8.31
N HIS A 600 19.61 16.67 8.04
CA HIS A 600 19.32 15.47 8.85
C HIS A 600 20.32 14.33 8.64
N LEU A 601 20.97 14.30 7.47
CA LEU A 601 22.00 13.29 7.19
C LEU A 601 23.34 13.66 7.84
N GLU A 602 23.41 13.44 9.16
CA GLU A 602 24.63 13.60 9.98
C GLU A 602 24.35 13.24 11.44
N GLU A 612 17.17 7.16 12.16
CA GLU A 612 16.42 5.91 11.98
C GLU A 612 16.27 5.50 10.50
N PRO A 613 16.16 4.17 10.22
CA PRO A 613 16.33 3.65 8.85
C PRO A 613 15.28 4.10 7.85
N LEU A 614 14.01 4.03 8.22
CA LEU A 614 12.92 4.50 7.37
C LEU A 614 13.06 5.99 7.06
N PHE A 615 13.53 6.76 8.03
CA PHE A 615 13.75 8.21 7.83
C PHE A 615 14.91 8.44 6.86
N LEU A 616 15.99 7.69 7.03
CA LEU A 616 17.13 7.76 6.12
C LEU A 616 16.71 7.33 4.72
N GLN A 617 16.02 6.19 4.63
CA GLN A 617 15.46 5.69 3.37
C GLN A 617 14.75 6.80 2.62
N TRP A 618 13.82 7.46 3.31
CA TRP A 618 12.96 8.47 2.69
C TRP A 618 13.59 9.85 2.47
N LEU A 619 14.64 10.19 3.20
CA LEU A 619 15.44 11.36 2.87
C LEU A 619 16.09 11.21 1.50
N CYS A 620 16.67 10.03 1.25
CA CYS A 620 17.28 9.70 -0.05
C CYS A 620 16.27 9.68 -1.20
N LEU A 621 15.13 9.04 -0.97
CA LEU A 621 14.07 8.96 -1.98
C LEU A 621 13.51 10.33 -2.32
N CYS A 622 13.41 11.18 -1.31
CA CYS A 622 13.02 12.57 -1.51
C CYS A 622 14.07 13.34 -2.31
N LEU A 623 15.31 13.29 -1.86
CA LEU A 623 16.43 13.94 -2.55
C LEU A 623 16.59 13.46 -3.98
N GLY A 624 16.51 12.14 -4.16
CA GLY A 624 16.65 11.51 -5.46
C GLY A 624 15.61 11.98 -6.44
N LYS A 625 14.36 12.01 -5.97
CA LYS A 625 13.23 12.47 -6.77
C LYS A 625 13.31 13.97 -7.09
N LEU A 626 13.88 14.76 -6.19
CA LEU A 626 14.04 16.21 -6.37
C LEU A 626 14.96 16.54 -7.54
N TRP A 627 16.19 16.01 -7.53
CA TRP A 627 17.12 16.26 -8.66
C TRP A 627 16.85 15.47 -9.96
N GLU A 628 16.02 14.43 -9.90
CA GLU A 628 15.76 13.58 -11.08
C GLU A 628 15.38 14.41 -12.30
N ASP A 629 16.20 14.33 -13.34
CA ASP A 629 15.99 15.02 -14.63
C ASP A 629 15.84 16.55 -14.51
N PHE A 630 16.47 17.13 -13.49
CA PHE A 630 16.33 18.57 -13.18
C PHE A 630 17.70 19.10 -12.75
N MET A 631 18.44 19.56 -13.76
CA MET A 631 19.85 19.97 -13.62
C MET A 631 20.16 21.12 -12.65
N GLU A 632 19.20 22.01 -12.41
CA GLU A 632 19.38 23.08 -11.41
C GLU A 632 19.56 22.51 -10.00
N ALA A 633 18.71 21.56 -9.65
CA ALA A 633 18.77 20.88 -8.36
C ALA A 633 20.04 20.03 -8.22
N GLN A 634 20.40 19.35 -9.31
CA GLN A 634 21.65 18.58 -9.39
C GLN A 634 22.86 19.46 -9.08
N ILE A 635 22.91 20.64 -9.70
CA ILE A 635 23.95 21.64 -9.41
C ILE A 635 23.95 22.04 -7.94
N MET A 636 22.75 22.29 -7.41
CA MET A 636 22.60 22.66 -6.00
C MET A 636 23.02 21.53 -5.05
N GLY A 637 22.76 20.29 -5.44
CA GLY A 637 23.18 19.11 -4.67
C GLY A 637 24.68 18.92 -4.60
N ARG A 638 25.36 19.13 -5.74
CA ARG A 638 26.82 19.12 -5.81
C ARG A 638 27.42 20.18 -4.90
N GLU A 639 27.04 21.44 -5.13
CA GLU A 639 27.57 22.56 -4.34
C GLU A 639 27.00 22.67 -2.92
N ALA A 640 26.16 21.70 -2.51
CA ALA A 640 25.86 21.43 -1.10
C ALA A 640 26.46 20.08 -0.63
N ASN A 641 27.51 19.61 -1.31
CA ASN A 641 28.17 18.32 -1.04
C ASN A 641 27.20 17.19 -0.64
N ALA A 642 26.29 16.87 -1.57
CA ALA A 642 25.30 15.82 -1.37
C ALA A 642 25.93 14.44 -1.48
N PHE A 643 26.82 14.27 -2.45
CA PHE A 643 27.61 13.03 -2.60
C PHE A 643 28.36 12.68 -1.32
N GLU A 644 28.94 13.69 -0.68
CA GLU A 644 29.77 13.50 0.52
C GLU A 644 28.93 13.03 1.72
N LYS A 645 27.63 13.38 1.71
CA LYS A 645 26.69 12.99 2.76
C LYS A 645 25.87 11.73 2.44
N LEU A 646 25.59 11.47 1.16
CA LEU A 646 24.83 10.28 0.74
C LEU A 646 25.68 9.02 0.73
N ALA A 647 26.86 9.11 0.14
CA ALA A 647 27.80 7.99 -0.01
C ALA A 647 27.96 7.09 1.23
N PRO A 648 28.09 7.68 2.44
CA PRO A 648 28.18 6.82 3.64
C PRO A 648 26.96 5.92 3.95
N LEU A 649 25.79 6.24 3.39
CA LEU A 649 24.62 5.35 3.48
C LEU A 649 24.75 4.07 2.63
N LEU A 650 25.66 4.07 1.66
CA LEU A 650 25.89 2.87 0.85
C LEU A 650 26.46 1.70 1.64
N SER A 651 26.98 1.96 2.84
CA SER A 651 27.47 0.92 3.76
C SER A 651 26.43 0.46 4.80
N GLU A 652 25.33 1.20 4.93
CA GLU A 652 24.35 0.93 6.00
C GLU A 652 23.86 -0.51 6.00
N PRO A 653 23.54 -1.04 7.19
CA PRO A 653 23.12 -2.45 7.27
C PRO A 653 21.80 -2.76 6.55
N GLN A 654 20.89 -1.80 6.49
CA GLN A 654 19.58 -2.03 5.88
C GLN A 654 19.66 -1.93 4.35
N PRO A 655 19.25 -3.01 3.63
CA PRO A 655 19.22 -2.96 2.15
C PRO A 655 18.36 -1.83 1.58
N GLU A 656 17.21 -1.63 2.19
CA GLU A 656 16.25 -0.59 1.81
C GLU A 656 16.92 0.78 1.74
N VAL A 657 17.71 1.09 2.77
CA VAL A 657 18.45 2.36 2.87
C VAL A 657 19.47 2.48 1.72
N ARG A 658 20.39 1.52 1.68
CA ARG A 658 21.42 1.44 0.64
C ARG A 658 20.88 1.61 -0.78
N ALA A 659 19.82 0.86 -1.08
CA ALA A 659 19.18 0.89 -2.39
C ALA A 659 18.65 2.28 -2.70
N ALA A 660 18.04 2.89 -1.68
CA ALA A 660 17.56 4.27 -1.79
C ALA A 660 18.73 5.25 -1.96
N ALA A 661 19.83 5.02 -1.25
CA ALA A 661 21.04 5.82 -1.42
C ALA A 661 21.60 5.74 -2.84
N VAL A 662 21.66 4.54 -3.40
CA VAL A 662 22.07 4.33 -4.79
C VAL A 662 21.15 5.10 -5.75
N PHE A 663 19.85 5.07 -5.48
CA PHE A 663 18.89 5.80 -6.32
C PHE A 663 19.24 7.29 -6.38
N ALA A 664 19.46 7.88 -5.20
CA ALA A 664 19.73 9.32 -5.04
C ALA A 664 20.98 9.79 -5.78
N LEU A 665 22.08 9.06 -5.59
CA LEU A 665 23.31 9.27 -6.36
C LEU A 665 23.08 8.99 -7.85
N GLY A 666 22.29 7.96 -8.14
CA GLY A 666 21.92 7.59 -9.51
C GLY A 666 21.26 8.72 -10.30
N THR A 667 20.32 9.41 -9.66
CA THR A 667 19.59 10.52 -10.27
C THR A 667 20.32 11.87 -10.22
N LEU A 668 21.43 11.96 -9.47
CA LEU A 668 22.34 13.11 -9.57
C LEU A 668 23.09 13.19 -10.90
N LEU A 669 23.22 12.06 -11.59
CA LEU A 669 23.89 12.00 -12.88
C LEU A 669 23.02 12.61 -13.99
N ASP A 670 23.65 12.93 -15.13
CA ASP A 670 23.07 13.73 -16.23
C ASP A 670 22.96 15.20 -15.82
N GLU A 683 37.69 13.25 -23.99
CA GLU A 683 39.15 13.33 -24.13
C GLU A 683 39.84 13.47 -22.75
N PHE A 684 40.30 14.68 -22.40
CA PHE A 684 40.82 14.97 -21.05
C PHE A 684 40.37 16.38 -20.61
N ASP A 685 39.24 16.46 -19.89
CA ASP A 685 38.69 17.72 -19.38
C ASP A 685 38.08 17.52 -17.98
N ASP A 686 38.21 18.55 -17.14
CA ASP A 686 37.65 18.55 -15.78
C ASP A 686 36.92 19.87 -15.51
N ASP A 687 35.59 19.79 -15.43
CA ASP A 687 34.77 20.85 -14.84
C ASP A 687 33.98 20.20 -13.70
N GLU A 688 33.93 20.90 -12.58
CA GLU A 688 33.08 20.57 -11.41
C GLU A 688 32.35 19.22 -11.45
N LYS A 689 31.44 19.06 -12.41
CA LYS A 689 30.59 17.87 -12.53
C LYS A 689 31.34 16.56 -12.84
N ILE A 690 32.36 16.60 -13.69
CA ILE A 690 33.18 15.41 -13.99
C ILE A 690 33.88 14.88 -12.73
N ARG A 691 34.26 15.77 -11.83
CA ARG A 691 34.81 15.37 -10.53
C ARG A 691 33.75 14.64 -9.71
N ALA A 692 32.53 15.17 -9.70
CA ALA A 692 31.42 14.55 -8.99
C ALA A 692 30.97 13.23 -9.62
N GLU A 693 30.69 13.26 -10.92
CA GLU A 693 30.11 12.11 -11.63
C GLU A 693 31.06 10.91 -11.72
N ASP A 694 32.36 11.17 -11.76
CA ASP A 694 33.35 10.09 -11.63
C ASP A 694 33.33 9.53 -10.21
N ALA A 695 33.33 10.42 -9.22
CA ALA A 695 33.29 10.02 -7.81
C ALA A 695 31.99 9.30 -7.44
N ILE A 696 30.89 9.71 -8.07
CA ILE A 696 29.58 9.05 -7.89
C ILE A 696 29.59 7.63 -8.44
N ILE A 697 29.94 7.48 -9.72
CA ILE A 697 29.86 6.18 -10.37
C ILE A 697 30.83 5.17 -9.73
N LYS A 698 32.02 5.62 -9.34
CA LYS A 698 32.95 4.78 -8.56
C LYS A 698 32.27 4.25 -7.30
N SER A 699 31.65 5.14 -6.52
CA SER A 699 30.97 4.75 -5.28
C SER A 699 29.80 3.79 -5.52
N LEU A 700 29.14 3.90 -6.67
CA LEU A 700 28.09 2.95 -7.09
C LEU A 700 28.64 1.59 -7.51
N LEU A 701 29.77 1.60 -8.20
CA LEU A 701 30.43 0.36 -8.63
C LEU A 701 30.98 -0.46 -7.48
N ASP A 702 31.32 0.20 -6.35
CA ASP A 702 31.71 -0.50 -5.11
C ASP A 702 30.59 -1.36 -4.51
N VAL A 703 29.33 -1.04 -4.87
CA VAL A 703 28.14 -1.73 -4.39
C VAL A 703 27.43 -2.53 -5.50
N VAL A 704 28.14 -2.79 -6.61
CA VAL A 704 27.63 -3.68 -7.66
C VAL A 704 27.50 -5.09 -7.12
N SER A 705 28.48 -5.50 -6.31
CA SER A 705 28.56 -6.84 -5.75
C SER A 705 27.68 -7.09 -4.51
N ASP A 706 26.85 -6.11 -4.13
CA ASP A 706 25.99 -6.16 -2.92
C ASP A 706 25.17 -7.45 -2.80
N GLY A 707 24.96 -7.90 -1.56
CA GLY A 707 24.21 -9.13 -1.30
C GLY A 707 22.72 -9.05 -1.60
N SER A 708 22.12 -7.88 -1.37
CA SER A 708 20.70 -7.68 -1.67
C SER A 708 20.49 -7.43 -3.16
N PRO A 709 19.60 -8.22 -3.81
CA PRO A 709 19.22 -7.88 -5.19
C PRO A 709 18.55 -6.52 -5.29
N LEU A 710 17.81 -6.14 -4.26
CA LEU A 710 17.17 -4.82 -4.19
C LEU A 710 18.16 -3.71 -4.51
N VAL A 711 19.37 -3.83 -3.97
CA VAL A 711 20.40 -2.83 -4.17
C VAL A 711 20.92 -2.96 -5.60
N ARG A 712 21.37 -4.16 -5.93
CA ARG A 712 21.90 -4.44 -7.28
C ARG A 712 21.02 -3.96 -8.43
N ALA A 713 19.70 -4.06 -8.25
CA ALA A 713 18.75 -3.55 -9.23
C ALA A 713 18.93 -2.05 -9.42
N GLU A 714 19.03 -1.34 -8.30
CA GLU A 714 19.22 0.12 -8.32
C GLU A 714 20.55 0.56 -8.90
N VAL A 715 21.58 -0.25 -8.67
CA VAL A 715 22.92 0.04 -9.18
C VAL A 715 22.94 -0.10 -10.69
N ALA A 716 22.24 -1.09 -11.22
CA ALA A 716 22.14 -1.32 -12.67
C ALA A 716 21.39 -0.20 -13.41
N VAL A 717 20.37 0.36 -12.76
CA VAL A 717 19.62 1.49 -13.33
C VAL A 717 20.48 2.76 -13.37
N ALA A 718 21.20 3.05 -12.28
CA ALA A 718 22.16 4.17 -12.26
C ALA A 718 23.29 3.97 -13.26
N LEU A 719 23.69 2.72 -13.46
CA LEU A 719 24.68 2.37 -14.47
C LEU A 719 24.09 2.58 -15.88
N ALA A 720 22.82 2.20 -16.08
CA ALA A 720 22.10 2.43 -17.34
C ALA A 720 22.02 3.90 -17.70
N ARG A 721 21.63 4.71 -16.71
CA ARG A 721 21.60 6.17 -16.84
C ARG A 721 22.97 6.70 -17.24
N PHE A 722 23.98 6.34 -16.47
CA PHE A 722 25.37 6.71 -16.78
C PHE A 722 25.84 6.24 -18.16
N ALA A 723 25.46 5.01 -18.51
CA ALA A 723 25.81 4.39 -19.78
C ALA A 723 25.23 5.14 -20.97
N PHE A 724 24.02 5.67 -20.79
CA PHE A 724 23.37 6.52 -21.80
C PHE A 724 24.24 7.71 -22.16
N GLY A 725 24.72 8.41 -21.12
CA GLY A 725 25.54 9.62 -21.29
C GLY A 725 26.94 9.41 -21.81
N HIS A 726 27.47 8.19 -21.70
CA HIS A 726 28.86 7.89 -22.05
C HIS A 726 29.00 6.68 -22.99
N LYS A 727 28.11 6.60 -23.98
CA LYS A 727 28.19 5.56 -25.03
C LYS A 727 29.48 5.65 -25.85
N GLN A 728 29.90 6.88 -26.14
CA GLN A 728 31.14 7.17 -26.86
C GLN A 728 32.32 6.44 -26.24
N HIS A 729 32.48 6.62 -24.93
CA HIS A 729 33.62 6.09 -24.17
C HIS A 729 33.49 4.59 -23.91
N LEU A 730 32.30 4.17 -23.49
CA LEU A 730 32.03 2.79 -23.07
C LEU A 730 32.09 1.76 -24.21
N LYS A 731 31.79 2.17 -25.45
CA LYS A 731 32.00 1.31 -26.63
C LYS A 731 33.49 1.08 -26.90
N LEU A 732 34.30 2.13 -26.76
CA LEU A 732 35.76 2.04 -26.91
C LEU A 732 36.39 1.20 -25.79
N ALA A 733 35.83 1.28 -24.59
CA ALA A 733 36.23 0.42 -23.47
C ALA A 733 35.85 -1.04 -23.70
N ALA A 734 34.68 -1.25 -24.31
CA ALA A 734 34.21 -2.60 -24.67
C ALA A 734 34.92 -3.20 -25.90
N ALA A 735 35.59 -2.36 -26.69
CA ALA A 735 36.37 -2.83 -27.85
C ALA A 735 37.61 -3.60 -27.41
N SER A 736 38.41 -3.00 -26.53
CA SER A 736 39.65 -3.60 -26.03
C SER A 736 39.42 -4.75 -25.02
N TYR A 737 38.30 -4.70 -24.29
CA TYR A 737 37.97 -5.73 -23.28
C TYR A 737 37.54 -7.07 -23.89
N TRP A 738 36.79 -7.01 -25.00
CA TRP A 738 36.28 -8.20 -25.69
C TRP A 738 37.41 -9.01 -26.33
N ALA A 834 39.64 6.15 -18.19
CA ALA A 834 40.10 5.72 -16.88
C ALA A 834 39.07 4.82 -16.18
N VAL A 835 37.88 5.37 -15.94
CA VAL A 835 36.82 4.74 -15.13
C VAL A 835 35.91 3.81 -15.96
N TYR A 836 35.99 3.93 -17.29
CA TYR A 836 35.03 3.29 -18.18
C TYR A 836 35.23 1.78 -18.30
N SER A 837 36.48 1.32 -18.19
CA SER A 837 36.77 -0.12 -18.18
C SER A 837 36.17 -0.81 -16.94
N GLN A 838 36.11 -0.08 -15.83
CA GLN A 838 35.43 -0.54 -14.61
C GLN A 838 33.93 -0.75 -14.85
N CYS A 839 33.29 0.21 -15.52
CA CYS A 839 31.87 0.09 -15.90
C CYS A 839 31.55 -1.14 -16.75
N VAL A 840 32.38 -1.42 -17.75
CA VAL A 840 32.19 -2.57 -18.65
C VAL A 840 32.28 -3.89 -17.88
N ARG A 841 33.27 -4.02 -17.02
CA ARG A 841 33.34 -5.13 -16.05
C ARG A 841 32.03 -5.35 -15.35
N ALA A 842 31.50 -4.27 -14.78
CA ALA A 842 30.28 -4.32 -13.98
C ALA A 842 29.05 -4.67 -14.79
N MET A 843 29.00 -4.21 -16.04
CA MET A 843 27.88 -4.51 -16.95
C MET A 843 27.81 -5.99 -17.29
N PHE A 844 28.95 -6.55 -17.68
CA PHE A 844 29.06 -7.99 -17.94
C PHE A 844 28.89 -8.82 -16.68
N ALA A 845 29.31 -8.27 -15.53
CA ALA A 845 29.09 -8.92 -14.24
C ALA A 845 27.60 -9.01 -13.95
N LEU A 846 26.93 -7.88 -14.05
CA LEU A 846 25.47 -7.82 -13.88
C LEU A 846 24.73 -8.76 -14.82
N ALA A 847 25.20 -8.89 -16.06
CA ALA A 847 24.54 -9.78 -17.02
C ALA A 847 24.62 -11.27 -16.67
N LYS A 848 25.54 -11.66 -15.78
CA LYS A 848 25.69 -13.05 -15.31
C LYS A 848 25.35 -13.20 -13.82
N ASP A 849 24.47 -12.33 -13.33
CA ASP A 849 24.07 -12.31 -11.93
C ASP A 849 23.10 -13.47 -11.63
N PRO A 850 23.16 -14.07 -10.42
CA PRO A 850 22.28 -15.20 -10.08
C PRO A 850 20.78 -14.90 -10.08
N SER A 851 20.39 -13.75 -9.54
CA SER A 851 19.00 -13.29 -9.60
C SER A 851 18.68 -12.88 -11.04
N PRO A 852 17.83 -13.66 -11.77
CA PRO A 852 17.67 -13.41 -13.22
C PRO A 852 17.06 -12.06 -13.60
N ARG A 853 16.33 -11.44 -12.68
CA ARG A 853 15.80 -10.10 -12.91
C ARG A 853 16.93 -9.06 -12.95
N ILE A 854 17.94 -9.24 -12.10
CA ILE A 854 19.13 -8.41 -12.14
C ILE A 854 19.87 -8.69 -13.45
N ALA A 855 20.02 -9.97 -13.77
CA ALA A 855 20.74 -10.38 -14.98
C ALA A 855 20.18 -9.72 -16.22
N SER A 856 18.85 -9.75 -16.36
CA SER A 856 18.19 -9.12 -17.50
C SER A 856 18.41 -7.61 -17.55
N LEU A 857 18.52 -6.96 -16.39
CA LEU A 857 18.91 -5.54 -16.34
C LEU A 857 20.32 -5.32 -16.86
N GLY A 858 21.24 -6.21 -16.49
CA GLY A 858 22.61 -6.14 -16.99
C GLY A 858 22.65 -6.29 -18.50
N ARG A 859 21.90 -7.28 -19.00
CA ARG A 859 21.74 -7.50 -20.44
C ARG A 859 21.15 -6.27 -21.14
N ARG A 860 20.24 -5.58 -20.47
CA ARG A 860 19.70 -4.30 -20.97
C ARG A 860 20.79 -3.21 -21.05
N VAL A 861 21.54 -3.00 -19.97
CA VAL A 861 22.59 -1.96 -19.93
C VAL A 861 23.60 -2.21 -21.06
N LEU A 862 23.99 -3.47 -21.23
CA LEU A 862 24.83 -3.88 -22.35
C LEU A 862 24.26 -3.45 -23.68
N SER A 863 22.99 -3.77 -23.93
CA SER A 863 22.34 -3.44 -25.21
C SER A 863 22.21 -1.93 -25.47
N ILE A 864 22.20 -1.12 -24.42
CA ILE A 864 22.22 0.34 -24.56
C ILE A 864 23.56 0.82 -25.14
N ILE A 865 24.64 0.16 -24.73
CA ILE A 865 25.98 0.41 -25.27
C ILE A 865 26.11 -0.05 -26.74
N GLY A 866 25.35 -1.08 -27.12
CA GLY A 866 25.41 -1.66 -28.46
C GLY A 866 26.14 -3.01 -28.50
N ILE A 867 26.04 -3.76 -27.41
CA ILE A 867 26.62 -5.11 -27.29
C ILE A 867 25.46 -6.11 -27.31
N GLU A 868 25.59 -7.15 -28.14
CA GLU A 868 24.53 -8.17 -28.28
C GLU A 868 25.06 -9.41 -29.00
N GLU A 900 14.17 7.40 -27.62
CA GLU A 900 15.45 6.69 -27.43
C GLU A 900 15.85 6.48 -25.97
N ARG A 901 15.51 7.45 -25.11
CA ARG A 901 15.58 7.29 -23.64
C ARG A 901 14.68 6.15 -23.13
N SER A 902 13.55 5.94 -23.81
CA SER A 902 12.57 4.89 -23.48
C SER A 902 13.12 3.47 -23.33
N LEU A 903 14.29 3.21 -23.91
CA LEU A 903 15.02 1.96 -23.70
C LEU A 903 15.59 1.81 -22.28
N LEU A 904 15.82 2.90 -21.55
CA LEU A 904 16.41 2.82 -20.21
C LEU A 904 15.50 2.15 -19.20
N PRO A 905 16.05 1.21 -18.39
CA PRO A 905 15.25 0.65 -17.32
C PRO A 905 14.97 1.71 -16.28
N LEU A 906 13.88 1.53 -15.54
CA LEU A 906 13.46 2.51 -14.54
C LEU A 906 13.58 1.94 -13.12
N SER A 907 14.11 2.77 -12.22
CA SER A 907 14.24 2.45 -10.79
C SER A 907 12.89 2.07 -10.18
N THR A 908 12.93 1.13 -9.25
CA THR A 908 11.73 0.62 -8.57
C THR A 908 11.73 0.79 -7.04
N ILE A 909 12.85 1.21 -6.45
CA ILE A 909 12.99 1.37 -4.99
C ILE A 909 11.96 2.34 -4.38
N TYR A 910 11.66 3.42 -5.10
CA TYR A 910 10.64 4.40 -4.66
C TYR A 910 9.26 3.78 -4.64
N GLY A 911 8.90 3.15 -5.76
CA GLY A 911 7.59 2.52 -5.93
C GLY A 911 7.28 1.43 -4.92
N TRP A 912 8.28 0.64 -4.58
CA TRP A 912 8.13 -0.41 -3.58
C TRP A 912 8.00 0.17 -2.17
N SER A 913 8.87 1.12 -1.82
CA SER A 913 8.84 1.78 -0.51
C SER A 913 7.50 2.47 -0.18
N CYS A 914 6.86 3.04 -1.20
CA CYS A 914 5.58 3.74 -1.04
C CYS A 914 4.47 2.86 -0.47
N GLY A 915 4.52 1.57 -0.78
CA GLY A 915 3.56 0.59 -0.26
C GLY A 915 3.51 0.48 1.25
N HIS A 916 4.61 0.83 1.91
CA HIS A 916 4.67 0.90 3.37
C HIS A 916 3.55 1.77 3.95
N PHE A 917 3.27 2.90 3.30
CA PHE A 917 2.27 3.84 3.79
C PHE A 917 0.85 3.45 3.48
N SER A 918 0.62 2.76 2.35
CA SER A 918 -0.73 2.29 2.00
C SER A 918 -1.10 1.01 2.77
N LYS A 919 -0.79 0.99 4.07
CA LYS A 919 -0.83 -0.21 4.88
C LYS A 919 -0.82 0.24 6.35
N PRO A 920 -1.74 -0.27 7.18
CA PRO A 920 -2.00 0.30 8.52
C PRO A 920 -0.77 0.43 9.46
N LEU A 921 -0.81 1.45 10.33
CA LEU A 921 0.34 1.89 11.14
C LEU A 921 -0.05 2.08 12.61
N SER A 928 0.05 -13.86 13.40
CA SER A 928 0.16 -13.19 14.69
C SER A 928 0.37 -14.19 15.85
N GLN A 929 -0.69 -14.90 16.26
CA GLN A 929 -0.61 -15.86 17.39
C GLN A 929 -0.10 -17.23 16.97
N GLU A 930 -0.53 -17.73 15.80
CA GLU A 930 -0.08 -19.03 15.27
C GLU A 930 1.40 -19.02 14.80
N ILE A 931 2.04 -17.85 14.77
CA ILE A 931 3.48 -17.76 14.52
C ILE A 931 4.26 -18.54 15.59
N ALA A 932 3.88 -18.36 16.86
CA ALA A 932 4.50 -19.07 17.98
C ALA A 932 4.13 -20.56 18.08
N ALA A 933 2.93 -20.91 17.60
CA ALA A 933 2.38 -22.27 17.72
C ALA A 933 3.25 -23.35 17.08
N LYS A 934 3.50 -23.21 15.77
CA LYS A 934 4.36 -24.16 15.03
C LYS A 934 5.86 -23.97 15.31
N ARG A 935 6.22 -22.85 15.95
CA ARG A 935 7.58 -22.65 16.44
C ARG A 935 7.84 -23.58 17.62
N GLU A 936 6.96 -23.54 18.61
CA GLU A 936 7.06 -24.40 19.80
C GLU A 936 6.80 -25.88 19.51
N GLU A 937 5.99 -26.16 18.48
CA GLU A 937 5.81 -27.51 17.92
C GLU A 937 7.15 -28.15 17.59
N LYS A 938 7.93 -27.43 16.79
CA LYS A 938 9.20 -27.91 16.30
C LYS A 938 10.27 -27.95 17.38
N GLU A 939 10.26 -26.95 18.26
CA GLU A 939 11.20 -26.87 19.39
C GLU A 939 10.99 -28.02 20.40
N LYS A 940 9.74 -28.34 20.70
CA LYS A 940 9.41 -29.51 21.54
C LYS A 940 9.83 -30.83 20.90
N PHE A 941 9.51 -31.00 19.62
CA PHE A 941 9.93 -32.16 18.83
C PHE A 941 11.46 -32.30 18.81
N ALA A 942 12.15 -31.17 18.65
CA ALA A 942 13.62 -31.15 18.52
C ALA A 942 14.31 -31.44 19.84
N LEU A 943 13.94 -30.69 20.88
CA LEU A 943 14.51 -30.88 22.22
C LEU A 943 14.37 -32.32 22.72
N GLU A 944 13.21 -32.92 22.44
CA GLU A 944 12.97 -34.33 22.74
C GLU A 944 13.86 -35.27 21.93
N HIS A 945 13.89 -35.08 20.61
CA HIS A 945 14.73 -35.90 19.72
C HIS A 945 16.24 -35.67 19.85
N ILE A 946 16.65 -34.53 20.42
CA ILE A 946 18.05 -34.29 20.76
C ILE A 946 18.46 -35.24 21.89
N ALA A 947 17.69 -35.22 22.98
CA ALA A 947 17.90 -36.12 24.12
C ALA A 947 17.87 -37.61 23.74
N LYS A 948 16.97 -37.99 22.84
CA LYS A 948 16.88 -39.38 22.35
C LYS A 948 18.06 -39.76 21.48
N CYS A 949 18.46 -38.87 20.58
CA CYS A 949 19.66 -39.07 19.77
C CYS A 949 20.87 -39.34 20.68
N GLN A 950 21.04 -38.48 21.67
CA GLN A 950 22.13 -38.61 22.66
C GLN A 950 22.04 -39.89 23.50
N HIS A 951 20.91 -40.07 24.18
CA HIS A 951 20.81 -41.04 25.28
C HIS A 951 20.50 -42.50 24.91
N SER A 952 19.86 -42.73 23.77
CA SER A 952 19.57 -44.10 23.33
C SER A 952 20.86 -44.79 22.86
N SER A 953 21.09 -46.03 23.32
CA SER A 953 22.25 -46.82 22.90
C SER A 953 21.99 -47.33 21.48
N ILE A 954 22.62 -46.70 20.50
CA ILE A 954 22.30 -46.91 19.09
C ILE A 954 22.85 -48.24 18.61
N SER A 955 21.97 -49.03 17.99
CA SER A 955 22.31 -50.38 17.52
C SER A 955 22.94 -50.32 16.13
N LYS A 956 23.18 -51.49 15.54
CA LYS A 956 23.73 -51.60 14.18
C LYS A 956 22.74 -51.15 13.10
N LEU A 957 23.28 -50.92 11.92
CA LEU A 957 22.51 -50.46 10.77
C LEU A 957 21.64 -51.58 10.21
N ASN A 958 20.37 -51.27 9.96
CA ASN A 958 19.46 -52.15 9.22
C ASN A 958 19.83 -52.02 7.74
N ASN A 959 20.54 -53.02 7.21
CA ASN A 959 21.06 -52.98 5.84
C ASN A 959 19.95 -53.01 4.78
N ASN A 960 18.80 -53.61 5.12
CA ASN A 960 17.56 -53.49 4.31
C ASN A 960 17.14 -52.02 4.26
N PRO A 961 17.36 -51.34 3.10
CA PRO A 961 17.08 -49.90 3.04
C PRO A 961 15.59 -49.60 2.92
N ILE A 962 15.15 -48.52 3.56
CA ILE A 962 13.74 -48.12 3.53
C ILE A 962 13.33 -47.48 2.18
N ALA A 963 14.31 -47.09 1.36
CA ALA A 963 14.05 -46.69 -0.03
C ALA A 963 15.30 -46.78 -0.89
N ASN A 964 15.10 -46.96 -2.19
CA ASN A 964 16.19 -46.92 -3.20
C ASN A 964 15.69 -46.10 -4.40
N TRP A 965 15.62 -44.80 -4.21
CA TRP A 965 14.96 -43.90 -5.16
C TRP A 965 15.78 -43.65 -6.43
N ASP A 966 15.16 -43.93 -7.58
CA ASP A 966 15.69 -43.58 -8.90
C ASP A 966 15.52 -42.08 -9.16
N THR A 967 16.62 -41.34 -9.05
CA THR A 967 16.67 -39.91 -9.37
C THR A 967 16.40 -39.60 -10.85
N ARG A 968 16.82 -40.52 -11.72
CA ARG A 968 16.96 -40.29 -13.15
C ARG A 968 18.01 -39.20 -13.46
N PHE A 969 19.03 -39.10 -12.61
CA PHE A 969 20.21 -38.31 -12.92
C PHE A 969 21.12 -39.24 -13.73
N GLU A 970 21.33 -38.86 -15.00
CA GLU A 970 22.10 -39.68 -15.96
C GLU A 970 23.53 -39.89 -15.50
N THR A 971 24.12 -38.84 -14.91
CA THR A 971 25.48 -38.88 -14.34
C THR A 971 25.50 -39.26 -12.86
N GLY A 972 24.41 -38.95 -12.14
CA GLY A 972 24.23 -39.36 -10.74
C GLY A 972 24.03 -38.22 -9.76
N THR A 973 23.66 -38.61 -8.53
CA THR A 973 23.42 -37.68 -7.41
C THR A 973 24.74 -37.19 -6.83
N LYS A 974 24.83 -35.88 -6.60
CA LYS A 974 26.05 -35.22 -6.09
C LYS A 974 25.96 -34.68 -4.65
N THR A 975 24.77 -34.29 -4.21
CA THR A 975 24.55 -33.84 -2.82
C THR A 975 23.09 -34.02 -2.42
N ALA A 976 22.85 -34.25 -1.12
CA ALA A 976 21.48 -34.51 -0.60
C ALA A 976 21.26 -33.98 0.83
N LEU A 977 19.99 -33.86 1.21
CA LEU A 977 19.59 -33.16 2.44
C LEU A 977 18.27 -33.65 3.05
N LEU A 978 18.37 -34.37 4.17
CA LEU A 978 17.18 -34.83 4.90
C LEU A 978 16.54 -33.69 5.69
N HIS A 979 15.21 -33.60 5.63
CA HIS A 979 14.46 -32.56 6.33
C HIS A 979 14.20 -32.99 7.78
N PRO A 980 14.33 -32.05 8.75
CA PRO A 980 14.10 -32.39 10.16
C PRO A 980 12.65 -32.73 10.51
N PHE A 981 11.75 -31.78 10.31
CA PHE A 981 10.37 -31.87 10.80
C PHE A 981 9.34 -32.40 9.79
N SER A 982 9.80 -33.08 8.73
CA SER A 982 8.90 -33.69 7.75
C SER A 982 9.64 -34.81 7.01
N PRO A 983 8.89 -35.73 6.36
CA PRO A 983 9.53 -36.91 5.81
C PRO A 983 10.07 -36.69 4.39
N ILE A 984 11.00 -35.77 4.25
CA ILE A 984 11.42 -35.24 2.94
C ILE A 984 12.93 -35.43 2.69
N VAL A 985 13.26 -35.77 1.43
CA VAL A 985 14.62 -35.74 0.90
C VAL A 985 14.69 -34.59 -0.08
N VAL A 986 15.88 -34.00 -0.22
CA VAL A 986 16.20 -33.13 -1.34
C VAL A 986 17.47 -33.72 -1.95
N ALA A 987 17.51 -33.82 -3.28
CA ALA A 987 18.69 -34.30 -4.01
C ALA A 987 19.05 -33.29 -5.10
N ALA A 988 20.31 -33.32 -5.55
CA ALA A 988 20.80 -32.39 -6.57
C ALA A 988 21.67 -33.05 -7.64
N ASP A 989 21.32 -32.81 -8.91
CA ASP A 989 22.12 -33.23 -10.07
C ASP A 989 23.45 -32.47 -10.09
N GLU A 990 24.38 -32.93 -10.92
CA GLU A 990 25.61 -32.19 -11.19
C GLU A 990 25.38 -30.92 -12.03
N ASN A 991 24.21 -30.84 -12.68
CA ASN A 991 23.79 -29.60 -13.37
C ASN A 991 22.79 -28.75 -12.55
N GLU A 992 22.70 -29.03 -11.25
CA GLU A 992 21.87 -28.30 -10.28
C GLU A 992 20.35 -28.39 -10.53
N ARG A 993 19.88 -29.51 -11.06
CA ARG A 993 18.45 -29.84 -11.01
C ARG A 993 18.17 -30.22 -9.58
N ILE A 994 17.04 -29.80 -9.03
CA ILE A 994 16.69 -30.08 -7.63
C ILE A 994 15.39 -30.83 -7.54
N ARG A 995 15.45 -32.05 -7.00
CA ARG A 995 14.25 -32.86 -6.78
C ARG A 995 13.96 -32.85 -5.30
N VAL A 996 12.70 -33.08 -4.95
CA VAL A 996 12.25 -33.13 -3.55
C VAL A 996 11.45 -34.42 -3.36
N TRP A 997 12.16 -35.51 -3.05
CA TRP A 997 11.56 -36.85 -2.91
C TRP A 997 11.01 -37.12 -1.51
N ASN A 998 9.74 -37.51 -1.43
CA ASN A 998 9.16 -38.00 -0.17
C ASN A 998 9.46 -39.50 -0.03
N TYR A 999 9.96 -39.89 1.15
CA TYR A 999 10.26 -41.31 1.46
C TYR A 999 9.10 -42.04 2.17
N GLU A 1000 8.27 -41.29 2.88
CA GLU A 1000 7.09 -41.85 3.57
C GLU A 1000 5.92 -42.09 2.61
N GLU A 1001 5.88 -41.34 1.50
CA GLU A 1001 4.88 -41.50 0.43
C GLU A 1001 5.47 -42.14 -0.85
N ALA A 1002 6.79 -42.33 -0.90
CA ALA A 1002 7.53 -42.81 -2.08
C ALA A 1002 7.33 -41.96 -3.35
N THR A 1003 7.08 -40.66 -3.16
CA THR A 1003 6.65 -39.75 -4.23
C THR A 1003 7.57 -38.55 -4.40
N LEU A 1004 7.40 -37.84 -5.52
CA LEU A 1004 8.10 -36.58 -5.82
C LEU A 1004 7.20 -35.39 -5.43
N LEU A 1005 7.72 -34.51 -4.58
CA LEU A 1005 7.00 -33.29 -4.19
C LEU A 1005 7.25 -32.12 -5.16
N ASN A 1006 8.47 -32.01 -5.70
CA ASN A 1006 8.81 -30.95 -6.69
C ASN A 1006 10.08 -31.26 -7.49
N GLY A 1007 10.23 -30.58 -8.62
CA GLY A 1007 11.44 -30.62 -9.45
C GLY A 1007 11.77 -29.23 -9.97
N PHE A 1008 13.08 -28.94 -10.06
CA PHE A 1008 13.60 -27.60 -10.33
C PHE A 1008 14.57 -27.61 -11.49
N ASP A 1009 14.99 -26.41 -11.85
CA ASP A 1009 16.29 -26.16 -12.44
C ASP A 1009 16.81 -24.95 -11.68
N ASN A 1010 17.80 -25.13 -10.81
CA ASN A 1010 18.50 -24.01 -10.18
C ASN A 1010 19.30 -23.35 -11.30
N HIS A 1011 18.77 -22.24 -11.80
CA HIS A 1011 19.36 -21.45 -12.90
C HIS A 1011 19.47 -22.11 -14.30
N ASP A 1012 19.34 -21.27 -15.32
CA ASP A 1012 19.40 -21.68 -16.74
C ASP A 1012 20.77 -21.50 -17.40
N PHE A 1013 21.72 -20.86 -16.71
CA PHE A 1013 23.07 -20.62 -17.27
C PHE A 1013 23.74 -21.93 -17.70
N PRO A 1014 24.60 -21.87 -18.76
CA PRO A 1014 25.19 -23.10 -19.32
C PRO A 1014 26.22 -23.79 -18.40
N ASP A 1015 27.06 -23.01 -17.74
CA ASP A 1015 28.09 -23.55 -16.83
C ASP A 1015 27.47 -23.95 -15.50
N LYS A 1016 27.27 -25.24 -15.31
CA LYS A 1016 26.61 -25.76 -14.12
C LYS A 1016 27.64 -26.21 -13.09
N GLY A 1017 27.16 -26.52 -11.89
CA GLY A 1017 27.99 -27.06 -10.82
C GLY A 1017 27.32 -26.93 -9.46
N ILE A 1018 27.10 -28.05 -8.78
CA ILE A 1018 26.47 -28.04 -7.45
C ILE A 1018 27.55 -28.09 -6.37
N SER A 1019 27.43 -27.22 -5.37
CA SER A 1019 28.34 -27.21 -4.21
C SER A 1019 27.66 -27.62 -2.89
N LYS A 1020 26.45 -27.12 -2.61
CA LYS A 1020 25.85 -27.25 -1.28
C LYS A 1020 24.33 -27.15 -1.27
N LEU A 1021 23.72 -27.87 -0.31
CA LEU A 1021 22.30 -27.76 0.02
C LEU A 1021 22.15 -27.61 1.53
N CYS A 1022 21.46 -26.55 1.95
CA CYS A 1022 21.22 -26.26 3.37
C CYS A 1022 19.82 -25.73 3.56
N LEU A 1023 19.26 -25.92 4.76
CA LEU A 1023 18.00 -25.30 5.13
C LEU A 1023 18.26 -24.03 5.92
N ILE A 1024 17.44 -23.02 5.67
CA ILE A 1024 17.51 -21.74 6.38
C ILE A 1024 16.14 -21.53 7.03
N ASN A 1025 16.15 -21.25 8.33
CA ASN A 1025 14.93 -21.14 9.15
C ASN A 1025 14.22 -22.49 9.25
N GLU A 1026 14.94 -23.48 9.77
CA GLU A 1026 14.37 -24.81 9.96
C GLU A 1026 13.17 -24.77 10.89
N LEU A 1027 13.24 -23.91 11.91
CA LEU A 1027 12.19 -23.83 12.91
C LEU A 1027 10.93 -23.08 12.47
N ASP A 1028 10.91 -22.48 11.27
CA ASP A 1028 9.72 -21.78 10.77
C ASP A 1028 9.73 -21.53 9.26
N ASP A 1029 9.22 -22.52 8.51
CA ASP A 1029 9.13 -22.48 7.05
C ASP A 1029 10.53 -22.43 6.40
N SER A 1030 11.04 -23.62 6.11
CA SER A 1030 12.40 -23.77 5.61
C SER A 1030 12.56 -23.23 4.19
N LEU A 1031 13.57 -22.40 4.01
CA LEU A 1031 14.03 -21.98 2.69
C LEU A 1031 15.23 -22.85 2.33
N LEU A 1032 15.33 -23.22 1.05
CA LEU A 1032 16.39 -24.11 0.57
C LEU A 1032 17.57 -23.32 -0.04
N LEU A 1033 18.69 -23.25 0.67
CA LEU A 1033 19.92 -22.66 0.11
C LEU A 1033 20.53 -23.63 -0.89
N VAL A 1034 20.94 -23.12 -2.05
CA VAL A 1034 21.62 -23.92 -3.08
C VAL A 1034 22.85 -23.16 -3.55
N ALA A 1035 24.01 -23.57 -3.03
CA ALA A 1035 25.29 -23.00 -3.43
C ALA A 1035 25.83 -23.71 -4.65
N SER A 1036 26.31 -22.92 -5.61
CA SER A 1036 26.86 -23.42 -6.86
C SER A 1036 28.39 -23.34 -6.78
N CYS A 1037 29.08 -24.20 -7.53
CA CYS A 1037 30.55 -24.30 -7.51
C CYS A 1037 31.29 -23.02 -7.90
N ASP A 1038 30.63 -22.13 -8.65
CA ASP A 1038 31.18 -20.81 -8.95
C ASP A 1038 30.96 -19.76 -7.84
N GLY A 1039 30.42 -20.17 -6.68
CA GLY A 1039 30.17 -19.26 -5.55
C GLY A 1039 28.78 -18.63 -5.49
N SER A 1040 27.93 -18.89 -6.49
CA SER A 1040 26.57 -18.35 -6.50
C SER A 1040 25.73 -19.05 -5.44
N VAL A 1041 24.85 -18.29 -4.79
CA VAL A 1041 23.99 -18.79 -3.72
C VAL A 1041 22.56 -18.38 -4.04
N ARG A 1042 21.65 -19.36 -4.04
CA ARG A 1042 20.24 -19.13 -4.38
C ARG A 1042 19.38 -19.75 -3.30
N ILE A 1043 18.40 -18.99 -2.83
CA ILE A 1043 17.58 -19.40 -1.69
C ILE A 1043 16.13 -19.41 -2.15
N TRP A 1044 15.49 -20.57 -2.03
CA TRP A 1044 14.16 -20.83 -2.60
C TRP A 1044 13.09 -21.04 -1.54
N LYS A 1045 11.97 -20.34 -1.66
CA LYS A 1045 10.78 -20.58 -0.85
C LYS A 1045 9.88 -21.59 -1.54
N ASN A 1046 9.05 -22.27 -0.75
CA ASN A 1046 8.02 -23.19 -1.25
C ASN A 1046 8.57 -24.26 -2.21
N TYR A 1047 9.80 -24.71 -1.92
CA TYR A 1047 10.47 -25.75 -2.70
C TYR A 1047 9.80 -27.13 -2.61
N ALA A 1048 9.01 -27.35 -1.56
CA ALA A 1048 8.23 -28.58 -1.40
C ALA A 1048 6.89 -28.60 -2.18
N THR A 1049 6.43 -27.45 -2.66
CA THR A 1049 5.16 -27.35 -3.41
C THR A 1049 5.33 -27.88 -4.85
N LYS A 1050 4.27 -28.43 -5.45
CA LYS A 1050 4.34 -29.13 -6.77
C LYS A 1050 5.00 -28.39 -7.95
N GLY A 1051 4.89 -27.07 -7.97
CA GLY A 1051 5.74 -26.26 -8.86
C GLY A 1051 5.71 -24.76 -8.62
N LYS A 1052 5.41 -24.34 -7.39
CA LYS A 1052 5.28 -22.93 -7.01
C LYS A 1052 6.46 -22.62 -6.11
N GLN A 1053 7.62 -22.41 -6.70
CA GLN A 1053 8.88 -22.31 -5.96
C GLN A 1053 9.71 -21.11 -6.39
N LYS A 1054 9.59 -20.03 -5.63
CA LYS A 1054 10.18 -18.75 -6.01
C LYS A 1054 11.61 -18.55 -5.47
N LEU A 1055 12.44 -17.90 -6.26
CA LEU A 1055 13.79 -17.51 -5.85
C LEU A 1055 13.69 -16.26 -4.94
N VAL A 1056 13.99 -16.44 -3.66
CA VAL A 1056 13.88 -15.36 -2.66
C VAL A 1056 15.06 -14.38 -2.74
N THR A 1057 16.26 -14.91 -2.73
CA THR A 1057 17.46 -14.08 -2.91
C THR A 1057 18.54 -14.89 -3.58
N GLY A 1058 19.35 -14.19 -4.36
CA GLY A 1058 20.48 -14.79 -5.04
C GLY A 1058 21.60 -13.79 -5.13
N PHE A 1059 22.78 -14.21 -4.70
CA PHE A 1059 23.97 -13.36 -4.71
C PHE A 1059 25.21 -14.21 -4.95
N SER A 1060 26.29 -13.58 -5.38
CA SER A 1060 27.55 -14.28 -5.58
C SER A 1060 28.47 -14.03 -4.38
N SER A 1061 28.50 -15.02 -3.47
CA SER A 1061 29.55 -15.13 -2.47
C SER A 1061 30.82 -15.42 -3.23
N ILE A 1062 31.97 -15.04 -2.70
CA ILE A 1062 33.26 -15.13 -3.41
C ILE A 1062 33.35 -14.17 -4.63
N GLN A 1063 34.19 -13.13 -4.50
CA GLN A 1063 34.30 -12.04 -5.47
C GLN A 1063 35.78 -11.69 -5.74
N LEU A 1072 37.27 -22.96 -9.60
CA LEU A 1072 37.12 -22.31 -8.28
C LEU A 1072 36.77 -23.28 -7.14
N ASN A 1073 35.80 -24.16 -7.40
CA ASN A 1073 35.36 -25.19 -6.45
C ASN A 1073 34.89 -24.63 -5.13
N ALA A 1074 33.92 -23.74 -5.21
CA ALA A 1074 33.32 -23.11 -4.04
C ALA A 1074 32.76 -24.14 -3.05
N VAL A 1075 32.97 -23.84 -1.77
CA VAL A 1075 32.46 -24.60 -0.65
C VAL A 1075 31.76 -23.57 0.22
N VAL A 1076 30.68 -23.97 0.88
CA VAL A 1076 29.83 -23.02 1.58
C VAL A 1076 29.33 -23.69 2.86
N ASP A 1077 29.00 -22.88 3.85
CA ASP A 1077 28.27 -23.36 5.02
C ASP A 1077 27.46 -22.26 5.72
N TRP A 1078 26.31 -22.67 6.24
CA TRP A 1078 25.31 -21.75 6.83
C TRP A 1078 25.26 -21.97 8.33
N GLN A 1079 25.28 -20.87 9.07
CA GLN A 1079 25.23 -20.88 10.51
C GLN A 1079 23.99 -20.09 10.92
N GLN A 1080 22.93 -20.82 11.26
CA GLN A 1080 21.66 -20.19 11.64
C GLN A 1080 21.82 -19.31 12.88
N GLN A 1081 22.67 -19.74 13.81
CA GLN A 1081 22.91 -19.05 15.08
C GLN A 1081 23.30 -17.58 14.91
N SER A 1082 24.32 -17.35 14.09
CA SER A 1082 24.88 -16.01 13.86
C SER A 1082 24.26 -15.28 12.68
N GLY A 1083 23.51 -16.01 11.86
CA GLY A 1083 23.06 -15.52 10.55
C GLY A 1083 24.16 -15.46 9.51
N TYR A 1084 25.29 -16.13 9.75
CA TYR A 1084 26.44 -16.01 8.87
C TYR A 1084 26.49 -17.11 7.82
N LEU A 1085 26.74 -16.71 6.57
CA LEU A 1085 27.12 -17.65 5.53
C LEU A 1085 28.61 -17.52 5.31
N TYR A 1086 29.31 -18.64 5.48
CA TYR A 1086 30.74 -18.72 5.22
C TYR A 1086 30.90 -19.35 3.86
N ALA A 1087 31.79 -18.79 3.06
CA ALA A 1087 32.01 -19.27 1.70
C ALA A 1087 33.47 -19.10 1.33
N SER A 1088 34.05 -20.14 0.76
CA SER A 1088 35.40 -20.06 0.21
C SER A 1088 35.61 -21.20 -0.81
N GLY A 1089 36.86 -21.52 -1.13
CA GLY A 1089 37.15 -22.60 -2.07
C GLY A 1089 38.62 -22.62 -2.43
N GLU A 1090 38.91 -22.55 -3.73
CA GLU A 1090 40.30 -22.49 -4.21
C GLU A 1090 40.67 -20.99 -4.27
N THR A 1091 40.82 -20.41 -3.08
CA THR A 1091 41.08 -18.98 -2.85
C THR A 1091 41.96 -18.81 -1.61
N SER A 1092 42.59 -17.65 -1.48
CA SER A 1092 43.34 -17.31 -0.27
C SER A 1092 42.46 -17.01 0.96
N THR A 1093 41.22 -16.57 0.72
CA THR A 1093 40.35 -16.04 1.78
C THR A 1093 39.05 -16.83 2.02
N VAL A 1094 38.57 -16.79 3.27
CA VAL A 1094 37.19 -17.17 3.61
C VAL A 1094 36.38 -15.88 3.63
N THR A 1095 35.21 -15.89 2.97
CA THR A 1095 34.34 -14.70 2.87
C THR A 1095 33.13 -14.88 3.76
N LEU A 1096 32.77 -13.83 4.49
CA LEU A 1096 31.73 -13.89 5.51
C LEU A 1096 30.56 -13.02 5.10
N TRP A 1097 29.38 -13.62 5.06
CA TRP A 1097 28.15 -12.91 4.72
C TRP A 1097 27.16 -12.90 5.88
N ASP A 1098 26.64 -11.72 6.18
CA ASP A 1098 25.61 -11.52 7.20
C ASP A 1098 24.31 -11.37 6.42
N LEU A 1099 23.45 -12.40 6.46
CA LEU A 1099 22.21 -12.43 5.67
C LEU A 1099 21.04 -11.58 6.23
N GLU A 1100 21.10 -11.18 7.50
CA GLU A 1100 20.18 -10.16 8.04
C GLU A 1100 20.39 -8.81 7.35
N LYS A 1101 21.66 -8.52 7.02
CA LYS A 1101 22.05 -7.32 6.28
C LYS A 1101 22.21 -7.56 4.79
N GLU A 1102 22.48 -8.80 4.38
CA GLU A 1102 22.86 -9.14 3.00
C GLU A 1102 24.11 -8.36 2.58
N GLN A 1103 25.15 -8.47 3.43
CA GLN A 1103 26.40 -7.73 3.28
C GLN A 1103 27.61 -8.63 3.45
N LEU A 1104 28.72 -8.22 2.87
CA LEU A 1104 29.99 -8.96 2.97
C LEU A 1104 30.73 -8.43 4.19
N VAL A 1105 30.35 -8.96 5.35
CA VAL A 1105 30.83 -8.46 6.65
C VAL A 1105 32.35 -8.54 6.83
N ARG A 1106 32.97 -9.63 6.36
CA ARG A 1106 34.41 -9.86 6.60
C ARG A 1106 35.04 -10.70 5.49
N SER A 1107 36.28 -10.36 5.14
CA SER A 1107 37.15 -11.24 4.34
C SER A 1107 38.36 -11.69 5.17
N VAL A 1108 38.25 -12.90 5.69
CA VAL A 1108 39.28 -13.55 6.51
C VAL A 1108 40.29 -14.27 5.60
N PRO A 1109 41.59 -13.90 5.68
CA PRO A 1109 42.59 -14.77 5.02
C PRO A 1109 42.71 -16.11 5.72
N SER A 1110 42.68 -17.20 4.94
CA SER A 1110 42.82 -18.54 5.50
C SER A 1110 44.22 -18.80 6.05
N GLU A 1111 45.22 -18.22 5.39
CA GLU A 1111 46.64 -18.42 5.68
C GLU A 1111 47.09 -19.86 5.47
N SER A 1112 46.71 -20.38 4.30
CA SER A 1112 47.02 -21.75 3.84
C SER A 1112 47.91 -21.86 2.60
N GLU A 1113 47.76 -20.94 1.64
CA GLU A 1113 48.44 -21.04 0.34
C GLU A 1113 48.04 -22.29 -0.44
N CYS A 1114 46.85 -22.80 -0.15
CA CYS A 1114 46.21 -23.86 -0.93
C CYS A 1114 44.72 -23.86 -0.62
N GLY A 1115 43.96 -24.64 -1.38
CA GLY A 1115 42.51 -24.50 -1.39
C GLY A 1115 41.78 -25.07 -0.18
N VAL A 1116 40.69 -24.39 0.19
CA VAL A 1116 39.73 -24.91 1.14
C VAL A 1116 38.87 -25.93 0.38
N THR A 1117 39.00 -27.18 0.79
CA THR A 1117 38.26 -28.29 0.23
C THR A 1117 36.96 -28.55 0.97
N ALA A 1118 36.96 -28.30 2.27
CA ALA A 1118 35.82 -28.60 3.15
C ALA A 1118 35.66 -27.49 4.16
N LEU A 1119 34.45 -27.35 4.68
CA LEU A 1119 34.08 -26.16 5.46
C LEU A 1119 32.85 -26.43 6.38
N SER A 1120 33.08 -26.49 7.70
CA SER A 1120 32.00 -26.71 8.67
C SER A 1120 31.91 -25.57 9.67
N ALA A 1121 30.74 -24.94 9.75
CA ALA A 1121 30.46 -23.95 10.77
C ALA A 1121 29.79 -24.71 11.91
N SER A 1122 30.05 -24.29 13.14
CA SER A 1122 29.46 -24.94 14.30
C SER A 1122 28.04 -24.46 14.50
N GLN A 1123 27.10 -25.41 14.68
CA GLN A 1123 25.71 -25.07 15.02
C GLN A 1123 25.58 -24.38 16.38
N VAL A 1124 26.39 -24.82 17.33
CA VAL A 1124 26.30 -24.32 18.70
C VAL A 1124 26.93 -22.93 18.82
N HIS A 1125 28.24 -22.86 18.58
CA HIS A 1125 29.02 -21.64 18.86
C HIS A 1125 29.06 -20.70 17.65
N GLY A 1126 28.30 -19.61 17.72
CA GLY A 1126 28.27 -18.62 16.65
C GLY A 1126 29.63 -17.99 16.41
N GLY A 1127 29.97 -17.78 15.13
CA GLY A 1127 31.26 -17.22 14.74
C GLY A 1127 32.34 -18.25 14.47
N GLN A 1128 32.32 -19.39 15.17
CA GLN A 1128 33.43 -20.35 15.11
C GLN A 1128 33.29 -21.31 13.92
N LEU A 1129 34.37 -21.43 13.15
CA LEU A 1129 34.38 -22.10 11.85
C LEU A 1129 35.54 -23.05 11.72
N ALA A 1130 35.28 -24.22 11.13
CA ALA A 1130 36.31 -25.22 10.80
C ALA A 1130 36.49 -25.34 9.29
N ALA A 1131 37.69 -25.68 8.86
CA ALA A 1131 38.05 -25.70 7.44
C ALA A 1131 39.11 -26.74 7.16
N GLY A 1132 38.84 -27.58 6.16
CA GLY A 1132 39.76 -28.61 5.71
C GLY A 1132 40.36 -28.09 4.43
N PHE A 1133 41.53 -28.62 4.08
CA PHE A 1133 42.33 -28.07 3.00
C PHE A 1133 42.87 -29.12 2.06
N ALA A 1134 43.19 -28.66 0.84
CA ALA A 1134 43.70 -29.49 -0.25
C ALA A 1134 44.93 -30.32 0.12
N ASP A 1135 45.78 -29.78 1.00
CA ASP A 1135 46.98 -30.47 1.50
C ASP A 1135 46.75 -31.34 2.76
N GLY A 1136 45.49 -31.53 3.16
CA GLY A 1136 45.15 -32.35 4.33
C GLY A 1136 45.20 -31.62 5.67
N SER A 1137 45.45 -30.32 5.63
CA SER A 1137 45.58 -29.53 6.84
C SER A 1137 44.19 -29.12 7.32
N LEU A 1138 44.18 -28.54 8.51
CA LEU A 1138 42.96 -28.21 9.22
C LEU A 1138 43.11 -26.89 9.98
N ARG A 1139 42.10 -26.04 9.93
CA ARG A 1139 42.17 -24.75 10.61
C ARG A 1139 40.85 -24.41 11.31
N LEU A 1140 40.96 -23.97 12.57
CA LEU A 1140 39.87 -23.26 13.25
C LEU A 1140 39.94 -21.77 12.98
N TYR A 1141 38.77 -21.15 12.97
CA TYR A 1141 38.66 -19.72 12.92
C TYR A 1141 37.64 -19.28 13.95
N ASP A 1142 37.87 -18.13 14.55
CA ASP A 1142 36.84 -17.42 15.29
C ASP A 1142 36.67 -16.11 14.56
N VAL A 1143 35.65 -16.09 13.72
CA VAL A 1143 35.47 -15.05 12.72
C VAL A 1143 35.12 -13.68 13.34
N ARG A 1144 34.73 -13.68 14.62
CA ARG A 1144 34.47 -12.46 15.40
C ARG A 1144 35.69 -11.88 16.17
N SER A 1145 36.89 -12.38 15.88
CA SER A 1145 38.12 -11.97 16.57
C SER A 1145 38.96 -11.02 15.68
N PRO A 1146 39.75 -10.10 16.28
CA PRO A 1146 40.66 -9.30 15.45
C PRO A 1146 41.67 -10.09 14.61
N GLU A 1147 42.18 -11.20 15.16
CA GLU A 1147 42.93 -12.21 14.40
C GLU A 1147 42.06 -13.51 14.32
N PRO A 1148 41.48 -13.79 13.13
CA PRO A 1148 40.54 -14.93 13.01
C PRO A 1148 41.07 -16.36 13.19
N LEU A 1149 42.30 -16.63 12.76
CA LEU A 1149 42.84 -17.99 12.81
C LEU A 1149 43.20 -18.38 14.25
N VAL A 1150 42.46 -19.34 14.80
CA VAL A 1150 42.61 -19.76 16.19
C VAL A 1150 43.77 -20.73 16.31
N CYS A 1151 43.74 -21.78 15.48
CA CYS A 1151 44.81 -22.77 15.42
C CYS A 1151 44.82 -23.47 14.07
N ALA A 1152 45.98 -24.01 13.70
CA ALA A 1152 46.17 -24.68 12.43
C ALA A 1152 46.91 -25.99 12.68
N THR A 1153 46.24 -27.11 12.39
CA THR A 1153 46.78 -28.44 12.66
C THR A 1153 46.76 -29.33 11.41
N ARG A 1154 47.73 -30.26 11.33
CA ARG A 1154 47.74 -31.32 10.30
C ARG A 1154 46.69 -32.42 10.54
N PRO A 1155 46.94 -33.34 11.49
CA PRO A 1155 46.17 -34.57 11.66
C PRO A 1155 45.60 -35.26 10.43
N HIS A 1156 45.78 -36.58 10.39
CA HIS A 1156 46.06 -37.36 9.16
C HIS A 1156 47.15 -36.77 8.25
N GLN A 1157 48.03 -37.68 7.85
CA GLN A 1157 49.35 -37.34 7.35
C GLN A 1157 49.59 -38.12 6.07
N LYS A 1158 48.82 -37.76 5.05
CA LYS A 1158 49.04 -38.28 3.70
C LYS A 1158 49.29 -37.20 2.65
N VAL A 1159 48.85 -35.96 2.88
CA VAL A 1159 48.86 -34.89 1.86
C VAL A 1159 47.86 -35.24 0.74
N GLU A 1160 46.61 -35.41 1.15
CA GLU A 1160 45.47 -35.53 0.26
C GLU A 1160 44.38 -34.67 0.85
N ARG A 1161 43.50 -34.17 0.00
CA ARG A 1161 42.51 -33.19 0.42
C ARG A 1161 41.55 -33.72 1.49
N VAL A 1162 41.13 -32.82 2.38
CA VAL A 1162 40.12 -33.13 3.38
C VAL A 1162 38.79 -33.10 2.63
N VAL A 1163 38.14 -34.28 2.52
CA VAL A 1163 36.91 -34.40 1.74
C VAL A 1163 35.71 -33.95 2.56
N GLY A 1164 35.79 -34.13 3.88
CA GLY A 1164 34.74 -33.66 4.77
C GLY A 1164 35.20 -33.46 6.21
N LEU A 1165 34.48 -32.57 6.91
CA LEU A 1165 34.65 -32.35 8.35
C LEU A 1165 33.39 -31.80 9.02
N SER A 1166 33.33 -31.95 10.34
CA SER A 1166 32.27 -31.35 11.14
C SER A 1166 32.66 -31.32 12.60
N PHE A 1167 32.09 -30.39 13.34
CA PHE A 1167 32.24 -30.39 14.79
C PHE A 1167 31.50 -31.60 15.37
N GLN A 1168 32.07 -32.19 16.41
CA GLN A 1168 31.45 -33.35 17.06
C GLN A 1168 30.04 -32.98 17.57
N PRO A 1169 29.13 -33.96 17.61
CA PRO A 1169 27.83 -33.70 18.21
C PRO A 1169 27.97 -33.42 19.71
N GLY A 1170 27.96 -32.14 20.08
CA GLY A 1170 28.09 -31.76 21.47
C GLY A 1170 28.00 -30.26 21.74
N LEU A 1171 28.61 -29.83 22.85
CA LEU A 1171 28.60 -28.43 23.29
C LEU A 1171 30.02 -27.92 23.58
N ASP A 1172 31.01 -28.37 22.79
CA ASP A 1172 32.41 -27.95 22.92
C ASP A 1172 32.94 -27.53 21.53
N PRO A 1173 34.21 -27.07 21.44
CA PRO A 1173 34.93 -27.06 20.13
C PRO A 1173 35.88 -28.26 19.88
N ALA A 1174 35.35 -29.47 20.10
CA ALA A 1174 35.97 -30.72 19.65
C ALA A 1174 35.43 -31.05 18.25
N LYS A 1175 36.04 -32.04 17.59
CA LYS A 1175 35.91 -32.17 16.13
C LYS A 1175 36.09 -33.60 15.63
N VAL A 1176 35.05 -34.15 14.98
CA VAL A 1176 35.14 -35.45 14.29
C VAL A 1176 36.10 -35.18 13.17
N VAL A 1177 35.63 -34.51 12.13
CA VAL A 1177 36.50 -33.83 11.20
C VAL A 1177 37.37 -34.83 10.44
N SER A 1178 38.01 -34.30 9.41
CA SER A 1178 39.18 -34.91 8.85
C SER A 1178 38.94 -36.38 8.58
N ALA A 1179 37.96 -36.58 7.70
CA ALA A 1179 38.05 -37.65 6.74
C ALA A 1179 38.99 -37.08 5.69
N SER A 1180 40.14 -37.72 5.50
CA SER A 1180 40.97 -37.45 4.35
C SER A 1180 40.53 -38.37 3.25
N GLN A 1181 40.75 -37.95 2.01
CA GLN A 1181 40.54 -38.81 0.85
C GLN A 1181 41.42 -40.06 0.91
N ALA A 1182 42.56 -39.93 1.59
CA ALA A 1182 43.44 -41.07 1.93
C ALA A 1182 42.73 -42.23 2.63
N GLY A 1183 41.65 -41.93 3.37
CA GLY A 1183 40.78 -42.94 3.96
C GLY A 1183 40.66 -42.92 5.46
N ASP A 1184 41.51 -42.14 6.13
CA ASP A 1184 41.50 -42.06 7.60
C ASP A 1184 40.57 -40.95 8.11
N ILE A 1185 39.67 -41.33 9.02
CA ILE A 1185 38.86 -40.38 9.80
C ILE A 1185 39.61 -40.12 11.11
N GLN A 1186 39.83 -38.86 11.43
CA GLN A 1186 40.65 -38.46 12.56
C GLN A 1186 39.82 -37.62 13.49
N PHE A 1187 39.66 -38.06 14.73
CA PHE A 1187 38.96 -37.31 15.77
C PHE A 1187 39.98 -36.47 16.52
N LEU A 1188 39.64 -35.22 16.84
CA LEU A 1188 40.53 -34.37 17.69
C LEU A 1188 39.80 -33.35 18.58
N ASP A 1189 40.26 -33.25 19.83
CA ASP A 1189 39.81 -32.25 20.79
C ASP A 1189 40.86 -31.15 20.89
N LEU A 1190 40.58 -30.01 20.24
CA LEU A 1190 41.57 -28.96 20.05
C LEU A 1190 41.73 -28.00 21.23
N ARG A 1191 40.95 -28.17 22.31
CA ARG A 1191 41.23 -27.44 23.56
C ARG A 1191 42.56 -27.89 24.18
N THR A 1192 42.79 -29.20 24.16
CA THR A 1192 43.88 -29.84 24.92
C THR A 1192 45.14 -30.19 24.12
N THR A 1193 44.98 -30.62 22.87
CA THR A 1193 46.06 -31.23 22.07
C THR A 1193 45.91 -31.08 20.56
N ARG A 1194 47.04 -31.16 19.86
CA ARG A 1194 47.08 -31.07 18.38
C ARG A 1194 46.77 -32.41 17.70
N ASP A 1195 47.36 -33.46 18.25
CA ASP A 1195 47.26 -34.81 17.69
C ASP A 1195 45.95 -35.45 18.12
N THR A 1196 45.64 -36.61 17.57
CA THR A 1196 44.28 -37.08 17.45
C THR A 1196 43.77 -37.94 18.61
N TYR A 1197 42.69 -37.47 19.24
CA TYR A 1197 41.74 -38.27 20.03
C TYR A 1197 41.73 -39.77 19.68
N LEU A 1198 41.51 -40.04 18.40
CA LEU A 1198 41.23 -41.36 17.86
C LEU A 1198 41.33 -41.28 16.33
N THR A 1199 41.90 -42.32 15.73
CA THR A 1199 41.94 -42.51 14.28
C THR A 1199 41.07 -43.71 13.97
N ILE A 1200 40.26 -43.64 12.92
CA ILE A 1200 39.65 -44.85 12.34
C ILE A 1200 39.86 -44.90 10.82
N ASP A 1201 40.40 -46.03 10.36
CA ASP A 1201 40.66 -46.25 8.94
C ASP A 1201 39.38 -46.71 8.28
N ALA A 1202 38.69 -45.77 7.64
CA ALA A 1202 37.48 -46.09 6.92
C ALA A 1202 37.79 -46.96 5.71
N HIS A 1203 38.74 -46.52 4.88
CA HIS A 1203 38.95 -47.09 3.55
C HIS A 1203 40.42 -47.06 3.15
N ARG A 1204 40.89 -48.11 2.48
CA ARG A 1204 42.21 -48.06 1.83
C ARG A 1204 42.07 -47.15 0.61
N GLY A 1205 42.36 -45.87 0.81
CA GLY A 1205 42.30 -44.89 -0.25
C GLY A 1205 40.88 -44.51 -0.67
N SER A 1206 40.80 -43.39 -1.38
CA SER A 1206 39.60 -43.00 -2.13
C SER A 1206 38.36 -42.82 -1.26
N LEU A 1207 38.51 -42.14 -0.13
CA LEU A 1207 37.35 -41.67 0.62
C LEU A 1207 36.72 -40.54 -0.17
N THR A 1208 35.42 -40.66 -0.43
CA THR A 1208 34.71 -39.74 -1.31
C THR A 1208 33.65 -38.90 -0.59
N ALA A 1209 33.21 -39.36 0.58
CA ALA A 1209 32.34 -38.57 1.45
C ALA A 1209 32.32 -39.02 2.91
N LEU A 1210 31.84 -38.11 3.75
CA LEU A 1210 31.75 -38.28 5.19
C LEU A 1210 30.43 -37.65 5.65
N ALA A 1211 29.85 -38.24 6.69
CA ALA A 1211 28.62 -37.76 7.29
C ALA A 1211 28.76 -37.84 8.81
N VAL A 1212 28.51 -36.72 9.47
CA VAL A 1212 28.61 -36.64 10.91
C VAL A 1212 27.28 -36.15 11.44
N HIS A 1213 26.69 -36.96 12.33
CA HIS A 1213 25.39 -36.66 12.89
C HIS A 1213 25.47 -35.41 13.78
N ARG A 1214 24.39 -34.64 13.80
CA ARG A 1214 24.31 -33.41 14.60
C ARG A 1214 24.24 -33.61 16.11
N HIS A 1215 23.51 -34.63 16.55
CA HIS A 1215 23.26 -34.87 17.98
C HIS A 1215 23.60 -36.29 18.44
N ALA A 1216 23.20 -37.29 17.67
CA ALA A 1216 23.51 -38.69 17.98
C ALA A 1216 25.02 -38.95 17.87
N PRO A 1217 25.56 -39.82 18.75
CA PRO A 1217 26.98 -40.15 18.68
C PRO A 1217 27.23 -41.18 17.57
N ILE A 1218 27.29 -40.70 16.34
CA ILE A 1218 27.39 -41.59 15.18
C ILE A 1218 27.91 -40.86 13.95
N ILE A 1219 28.75 -41.54 13.17
CA ILE A 1219 29.24 -41.02 11.90
C ILE A 1219 29.17 -42.09 10.81
N ALA A 1220 29.41 -41.66 9.57
CA ALA A 1220 29.40 -42.56 8.41
C ALA A 1220 30.32 -42.03 7.31
N SER A 1221 30.86 -42.94 6.51
CA SER A 1221 31.82 -42.58 5.46
C SER A 1221 31.65 -43.45 4.23
N GLY A 1222 31.98 -42.87 3.08
CA GLY A 1222 31.78 -43.50 1.77
C GLY A 1222 33.06 -43.58 0.98
N SER A 1223 33.13 -44.59 0.10
CA SER A 1223 34.29 -44.86 -0.73
C SER A 1223 33.91 -44.83 -2.20
N ALA A 1224 34.93 -44.66 -3.04
CA ALA A 1224 34.81 -44.84 -4.49
C ALA A 1224 34.76 -46.32 -4.88
N LYS A 1225 35.17 -47.21 -3.97
CA LYS A 1225 35.00 -48.65 -4.15
C LYS A 1225 33.60 -49.12 -3.75
N GLN A 1226 32.57 -48.34 -4.11
CA GLN A 1226 31.15 -48.69 -3.88
C GLN A 1226 30.66 -48.64 -2.44
N LEU A 1227 31.58 -48.57 -1.48
CA LEU A 1227 31.37 -49.06 -0.12
C LEU A 1227 30.99 -47.93 0.83
N ILE A 1228 30.11 -48.22 1.79
CA ILE A 1228 29.75 -47.26 2.86
C ILE A 1228 29.89 -47.93 4.21
N LYS A 1229 30.53 -47.23 5.14
CA LYS A 1229 30.78 -47.76 6.49
C LYS A 1229 30.27 -46.79 7.52
N VAL A 1230 29.39 -47.27 8.39
CA VAL A 1230 28.93 -46.51 9.54
C VAL A 1230 29.84 -46.84 10.72
N PHE A 1231 30.15 -45.83 11.54
CA PHE A 1231 30.92 -46.01 12.76
C PHE A 1231 30.30 -45.30 13.96
N SER A 1232 30.57 -45.86 15.14
CA SER A 1232 30.35 -45.17 16.40
C SER A 1232 31.35 -44.03 16.55
N LEU A 1233 31.02 -43.10 17.44
CA LEU A 1233 31.89 -41.98 17.75
C LEU A 1233 33.12 -42.44 18.55
N GLN A 1234 33.00 -43.57 19.25
CA GLN A 1234 34.13 -44.17 19.97
C GLN A 1234 35.01 -45.01 19.03
N GLY A 1235 34.48 -45.33 17.85
CA GLY A 1235 35.24 -46.00 16.79
C GLY A 1235 34.71 -47.35 16.33
N GLU A 1236 33.68 -47.88 16.98
CA GLU A 1236 33.08 -49.18 16.59
C GLU A 1236 32.51 -49.13 15.17
N GLN A 1237 32.51 -50.27 14.48
CA GLN A 1237 31.74 -50.44 13.24
C GLN A 1237 30.27 -50.65 13.62
N LEU A 1238 29.36 -49.88 13.01
CA LEU A 1238 27.93 -50.11 13.18
C LEU A 1238 27.24 -50.73 11.94
N GLY A 1239 27.85 -50.62 10.77
CA GLY A 1239 27.32 -51.28 9.58
C GLY A 1239 28.07 -50.94 8.30
N ILE A 1240 28.43 -51.98 7.55
CA ILE A 1240 28.89 -51.82 6.17
C ILE A 1240 27.67 -51.88 5.24
N ILE A 1241 27.74 -51.13 4.15
CA ILE A 1241 26.78 -51.20 3.05
C ILE A 1241 27.58 -51.20 1.74
N ARG A 1242 27.07 -51.87 0.71
CA ARG A 1242 27.69 -51.85 -0.63
C ARG A 1242 26.67 -51.49 -1.70
N TYR A 1243 26.75 -50.24 -2.16
CA TYR A 1243 26.00 -49.73 -3.30
C TYR A 1243 26.49 -50.54 -4.50
N TYR A 1244 25.67 -51.48 -4.96
CA TYR A 1244 26.04 -52.27 -6.14
C TYR A 1244 25.68 -51.45 -7.38
N PRO A 1245 26.39 -51.66 -8.49
CA PRO A 1245 26.06 -50.95 -9.72
C PRO A 1245 24.95 -51.64 -10.53
N SER A 1246 24.15 -50.84 -11.23
CA SER A 1246 22.98 -51.34 -11.98
C SER A 1246 23.30 -51.90 -13.38
N PHE A 1247 24.43 -51.49 -13.96
CA PHE A 1247 25.02 -52.18 -15.11
C PHE A 1247 26.53 -52.23 -14.88
N MET A 1248 27.33 -52.69 -15.86
CA MET A 1248 28.77 -52.92 -15.60
C MET A 1248 29.74 -51.82 -16.10
N ALA A 1249 29.42 -50.59 -15.73
CA ALA A 1249 30.36 -49.47 -15.83
C ALA A 1249 31.45 -49.55 -14.76
N GLN A 1250 31.14 -50.21 -13.63
CA GLN A 1250 31.99 -50.25 -12.42
C GLN A 1250 32.37 -48.85 -11.94
N LYS A 1251 31.38 -47.96 -11.98
CA LYS A 1251 31.55 -46.54 -11.64
C LYS A 1251 30.51 -46.11 -10.60
N ILE A 1252 30.70 -46.68 -9.41
CA ILE A 1252 30.09 -46.21 -8.16
C ILE A 1252 31.21 -45.48 -7.41
N GLY A 1253 31.92 -44.63 -8.14
CA GLY A 1253 33.16 -44.02 -7.68
C GLY A 1253 33.02 -42.63 -7.12
N SER A 1254 31.78 -42.12 -7.08
CA SER A 1254 31.49 -40.80 -6.53
C SER A 1254 30.30 -40.92 -5.56
N VAL A 1255 30.46 -41.79 -4.55
CA VAL A 1255 29.48 -41.95 -3.46
C VAL A 1255 29.47 -40.62 -2.69
N SER A 1256 28.82 -39.63 -3.28
CA SER A 1256 29.03 -38.22 -2.91
C SER A 1256 28.16 -37.79 -1.74
N CYS A 1257 26.87 -38.05 -1.82
CA CYS A 1257 25.93 -37.66 -0.75
C CYS A 1257 25.70 -38.75 0.28
N LEU A 1258 26.40 -38.64 1.40
CA LEU A 1258 26.04 -39.27 2.67
C LEU A 1258 25.61 -38.14 3.59
N THR A 1259 24.47 -38.31 4.23
CA THR A 1259 23.94 -37.26 5.11
C THR A 1259 22.92 -37.85 6.07
N PHE A 1260 22.98 -37.39 7.32
CA PHE A 1260 22.10 -37.89 8.37
C PHE A 1260 20.88 -37.01 8.51
N HIS A 1261 19.80 -37.60 8.99
CA HIS A 1261 18.65 -36.84 9.44
C HIS A 1261 19.11 -36.08 10.69
N PRO A 1262 18.77 -34.78 10.79
CA PRO A 1262 19.26 -34.00 11.93
C PRO A 1262 18.83 -34.54 13.28
N TYR A 1263 17.54 -34.83 13.44
CA TYR A 1263 16.96 -35.32 14.70
C TYR A 1263 16.65 -36.81 14.79
N GLN A 1264 17.15 -37.61 13.85
CA GLN A 1264 16.89 -39.06 13.84
C GLN A 1264 18.08 -39.79 13.23
N VAL A 1265 18.18 -41.10 13.47
CA VAL A 1265 19.31 -41.90 12.96
C VAL A 1265 18.91 -42.50 11.61
N LEU A 1266 18.81 -41.64 10.60
CA LEU A 1266 18.49 -42.00 9.23
C LEU A 1266 19.65 -41.57 8.34
N LEU A 1267 20.26 -42.52 7.65
CA LEU A 1267 21.30 -42.23 6.66
C LEU A 1267 20.64 -42.02 5.28
N ALA A 1268 21.40 -41.48 4.32
CA ALA A 1268 20.90 -41.26 2.96
C ALA A 1268 22.06 -41.22 1.97
N ALA A 1269 22.18 -42.24 1.11
CA ALA A 1269 23.39 -42.43 0.28
C ALA A 1269 23.16 -42.38 -1.24
N GLY A 1270 24.03 -41.67 -1.95
CA GLY A 1270 23.94 -41.50 -3.41
C GLY A 1270 25.28 -41.37 -4.13
N ALA A 1271 25.30 -41.78 -5.39
CA ALA A 1271 26.56 -42.12 -6.06
C ALA A 1271 26.61 -41.69 -7.53
N ALA A 1272 27.70 -42.07 -8.19
CA ALA A 1272 27.88 -41.90 -9.63
C ALA A 1272 26.95 -42.76 -10.52
N ASP A 1273 26.07 -43.55 -9.91
CA ASP A 1273 25.04 -44.32 -10.63
C ASP A 1273 23.78 -43.43 -10.82
N SER A 1274 22.62 -43.80 -10.30
CA SER A 1274 21.43 -42.93 -10.36
C SER A 1274 20.40 -43.22 -9.26
N PHE A 1275 20.87 -43.58 -8.06
CA PHE A 1275 19.98 -43.99 -6.98
C PHE A 1275 20.32 -43.30 -5.65
N VAL A 1276 19.27 -42.89 -4.93
CA VAL A 1276 19.37 -42.33 -3.57
C VAL A 1276 18.69 -43.30 -2.61
N SER A 1277 19.53 -44.12 -1.97
CA SER A 1277 19.07 -45.12 -0.99
C SER A 1277 19.07 -44.56 0.43
N ILE A 1278 18.05 -44.94 1.21
CA ILE A 1278 17.90 -44.49 2.60
C ILE A 1278 17.90 -45.69 3.55
N TYR A 1279 18.59 -45.54 4.68
CA TYR A 1279 18.72 -46.61 5.68
C TYR A 1279 18.32 -46.11 7.07
N THR A 1280 18.19 -47.05 7.99
CA THR A 1280 17.91 -46.76 9.41
C THR A 1280 18.43 -47.89 10.31
N HIS A 1281 18.16 -47.79 11.63
CA HIS A 1281 18.70 -48.74 12.62
C HIS A 1281 17.58 -49.52 13.34
N ASP A 1282 16.68 -50.10 12.54
CA ASP A 1282 15.52 -50.92 13.00
C ASP A 1282 14.80 -50.39 14.25
N ALA B 2 -13.61 25.14 -3.53
CA ALA B 2 -13.83 23.74 -4.05
C ALA B 2 -14.99 22.99 -3.37
N GLY B 3 -15.10 23.09 -2.04
CA GLY B 3 -16.18 22.45 -1.28
C GLY B 3 -17.53 23.18 -1.32
N VAL B 4 -18.59 22.47 -0.95
CA VAL B 4 -19.96 23.03 -0.86
C VAL B 4 -20.17 23.83 0.44
N PHE B 5 -19.55 23.38 1.53
CA PHE B 5 -19.73 23.99 2.86
C PHE B 5 -18.55 24.90 3.19
N ASP B 6 -18.80 25.94 3.97
CA ASP B 6 -17.77 26.92 4.37
C ASP B 6 -16.84 26.32 5.41
N ILE B 7 -15.63 26.89 5.53
CA ILE B 7 -14.66 26.48 6.56
C ILE B 7 -14.19 27.71 7.36
N ASP B 8 -14.00 27.53 8.66
CA ASP B 8 -13.53 28.57 9.59
C ASP B 8 -12.08 28.29 10.01
N LEU B 9 -11.24 29.33 10.00
CA LEU B 9 -9.79 29.19 10.22
C LEU B 9 -9.25 30.28 11.15
#